data_5HKB
#
_entry.id   5HKB
#
_cell.length_a   84.168
_cell.length_b   169.494
_cell.length_c   175.568
_cell.angle_alpha   90.00
_cell.angle_beta   90.00
_cell.angle_gamma   90.00
#
_symmetry.space_group_name_H-M   'C 2 2 21'
#
loop_
_entity.id
_entity.type
_entity.pdbx_description
1 polymer 'CFTR Inhibitory Factor (Cif)'
2 non-polymer KB2115
3 non-polymer 'ACETATE ION'
4 water water
#
_entity_poly.entity_id   1
_entity_poly.type   'polypeptide(L)'
_entity_poly.pdbx_seq_one_letter_code
;AEEFPVPNGFESAYREVDGVKLHYVKGGQGPLVMLVHGFGQTWYEWHQLMPELAKRFTVIAPDLPGLGQSEPPKTGYSGE
QVAVYLHKLARQFSPDRPFDLVAHDIGIWNTYPMVVKNQADIARLVYMEAPIPDARIYRFPAFTAQGESLVWHFSFFAAD
DRLAETLIAGKERFFLEHFIKSHASNTEVFSERLLDLYARSYAKPHSLNASFEYYRALNESVRQNAELAKTRLQMPTMTL
AGGGHGGMGTFQLEQMKAYAEDVEGHVLPGCGHWLPEECAAPMNRLVIDFLSRGRHHHHHH
;
_entity_poly.pdbx_strand_id   A,B,C,D
#
loop_
_chem_comp.id
_chem_comp.type
_chem_comp.name
_chem_comp.formula
64L non-polymer KB2115 'C18 H17 Br2 N O5'
ACT non-polymer 'ACETATE ION' 'C2 H3 O2 -1'
#
# COMPACT_ATOMS: atom_id res chain seq x y z
N ALA A 1 7.84 25.60 20.17
CA ALA A 1 7.94 24.21 19.72
C ALA A 1 7.58 24.08 18.24
N GLU A 2 8.14 23.07 17.59
CA GLU A 2 7.87 22.86 16.17
C GLU A 2 7.47 21.41 15.92
N GLU A 3 6.33 21.22 15.27
CA GLU A 3 5.85 19.89 14.98
C GLU A 3 6.68 19.23 13.87
N PHE A 4 7.22 20.03 12.95
CA PHE A 4 8.01 19.49 11.84
C PHE A 4 9.29 20.31 11.69
N PRO A 5 10.38 19.65 11.26
CA PRO A 5 11.67 20.34 11.13
C PRO A 5 11.66 21.40 10.03
N VAL A 6 12.03 22.61 10.39
CA VAL A 6 12.10 23.69 9.43
C VAL A 6 13.37 23.50 8.58
N PRO A 7 13.26 23.66 7.25
CA PRO A 7 14.43 23.58 6.38
C PRO A 7 15.46 24.63 6.76
N ASN A 8 16.73 24.32 6.53
CA ASN A 8 17.80 25.23 6.89
C ASN A 8 17.61 26.60 6.24
N GLY A 9 17.67 27.65 7.06
CA GLY A 9 17.57 29.00 6.55
C GLY A 9 16.15 29.51 6.40
N PHE A 10 15.19 28.72 6.87
CA PHE A 10 13.81 29.18 6.91
C PHE A 10 13.45 29.54 8.35
N GLU A 11 12.36 30.28 8.52
CA GLU A 11 11.86 30.60 9.84
C GLU A 11 10.43 30.11 10.02
N SER A 12 10.13 29.68 11.25
CA SER A 12 8.77 29.33 11.61
C SER A 12 8.22 30.49 12.45
N ALA A 13 7.06 31.01 12.06
CA ALA A 13 6.52 32.17 12.77
C ALA A 13 5.02 32.17 12.66
N TYR A 14 4.39 33.22 13.18
CA TYR A 14 2.95 33.33 13.18
C TYR A 14 2.53 34.74 12.81
N ARG A 15 1.38 34.86 12.16
CA ARG A 15 0.74 36.15 11.92
C ARG A 15 -0.70 36.06 12.37
N GLU A 16 -1.15 37.06 13.12
CA GLU A 16 -2.55 37.11 13.51
C GLU A 16 -3.33 37.73 12.36
N VAL A 17 -4.32 37.00 11.83
CA VAL A 17 -5.13 37.51 10.74
C VAL A 17 -6.60 37.40 11.13
N ASP A 18 -7.27 38.55 11.22
CA ASP A 18 -8.68 38.57 11.63
C ASP A 18 -8.91 37.76 12.90
N GLY A 19 -8.05 37.97 13.90
CA GLY A 19 -8.20 37.34 15.20
C GLY A 19 -7.79 35.88 15.27
N VAL A 20 -7.19 35.39 14.19
CA VAL A 20 -6.76 33.99 14.12
C VAL A 20 -5.27 33.91 13.92
N LYS A 21 -4.59 33.19 14.80
CA LYS A 21 -3.14 33.07 14.74
C LYS A 21 -2.74 31.97 13.77
N LEU A 22 -2.18 32.36 12.63
CA LEU A 22 -1.78 31.42 11.59
C LEU A 22 -0.30 31.11 11.66
N HIS A 23 0.04 29.84 11.66
CA HIS A 23 1.45 29.43 11.60
C HIS A 23 1.92 29.35 10.15
N TYR A 24 3.15 29.77 9.90
CA TYR A 24 3.72 29.62 8.56
C TYR A 24 5.22 29.41 8.66
N VAL A 25 5.79 28.89 7.59
CA VAL A 25 7.24 28.76 7.47
C VAL A 25 7.66 29.54 6.23
N LYS A 26 8.68 30.38 6.37
CA LYS A 26 9.04 31.34 5.33
C LYS A 26 10.54 31.35 5.08
N GLY A 27 10.93 31.53 3.82
CA GLY A 27 12.33 31.60 3.46
C GLY A 27 12.48 32.19 2.08
N GLY A 28 13.69 32.62 1.73
CA GLY A 28 13.95 33.07 0.38
C GLY A 28 13.78 34.56 0.15
N GLN A 29 14.02 34.97 -1.10
CA GLN A 29 13.94 36.37 -1.49
C GLN A 29 13.37 36.43 -2.89
N GLY A 30 12.69 37.52 -3.21
CA GLY A 30 12.07 37.66 -4.50
C GLY A 30 10.56 37.74 -4.37
N PRO A 31 9.85 37.69 -5.50
CA PRO A 31 8.38 37.68 -5.49
C PRO A 31 7.84 36.54 -4.65
N LEU A 32 6.65 36.74 -4.10
CA LEU A 32 6.10 35.79 -3.14
C LEU A 32 5.38 34.64 -3.82
N VAL A 33 5.63 33.45 -3.30
CA VAL A 33 4.83 32.29 -3.64
CA VAL A 33 4.88 32.25 -3.64
C VAL A 33 4.31 31.67 -2.34
N MET A 34 3.02 31.42 -2.31
CA MET A 34 2.39 30.80 -1.15
C MET A 34 2.05 29.38 -1.52
N LEU A 35 2.43 28.43 -0.66
CA LEU A 35 2.16 27.01 -0.89
C LEU A 35 1.16 26.56 0.18
N VAL A 36 0.04 25.99 -0.24
CA VAL A 36 -1.03 25.64 0.68
C VAL A 36 -1.29 24.12 0.66
N HIS A 37 -1.08 23.48 1.81
CA HIS A 37 -1.20 22.03 1.96
C HIS A 37 -2.64 21.55 2.02
N GLY A 38 -2.83 20.24 2.11
CA GLY A 38 -4.18 19.69 2.17
C GLY A 38 -4.44 18.77 3.36
N PHE A 39 -5.47 17.95 3.24
CA PHE A 39 -5.92 17.09 4.33
C PHE A 39 -4.89 16.01 4.70
N GLY A 40 -4.70 15.83 6.00
CA GLY A 40 -3.85 14.78 6.52
C GLY A 40 -2.45 15.28 6.72
N GLN A 41 -2.19 16.50 6.25
CA GLN A 41 -0.84 17.04 6.24
C GLN A 41 -0.80 18.47 6.76
N THR A 42 0.35 19.10 6.60
CA THR A 42 0.60 20.46 7.08
C THR A 42 1.57 21.09 6.09
N TRP A 43 2.09 22.27 6.42
CA TRP A 43 3.08 22.93 5.57
C TRP A 43 4.24 21.99 5.17
N TYR A 44 4.49 20.98 6.00
CA TYR A 44 5.65 20.12 5.86
C TYR A 44 5.68 19.33 4.55
N GLU A 45 4.51 19.11 3.94
CA GLU A 45 4.52 18.41 2.65
C GLU A 45 5.37 19.13 1.61
N TRP A 46 5.58 20.44 1.80
CA TRP A 46 6.30 21.27 0.85
C TRP A 46 7.79 21.39 1.18
N HIS A 47 8.26 20.73 2.24
CA HIS A 47 9.61 21.03 2.76
C HIS A 47 10.76 20.66 1.80
N GLN A 48 10.51 19.78 0.83
CA GLN A 48 11.55 19.49 -0.17
C GLN A 48 11.54 20.51 -1.33
N LEU A 49 10.35 21.00 -1.66
CA LEU A 49 10.22 21.98 -2.73
C LEU A 49 10.67 23.36 -2.25
N MET A 50 10.43 23.64 -0.98
CA MET A 50 10.69 24.99 -0.43
C MET A 50 12.11 25.54 -0.64
N PRO A 51 13.15 24.76 -0.32
CA PRO A 51 14.51 25.32 -0.50
C PRO A 51 14.83 25.61 -1.97
N GLU A 52 14.28 24.82 -2.87
CA GLU A 52 14.51 24.98 -4.29
C GLU A 52 13.83 26.26 -4.81
N LEU A 53 12.58 26.46 -4.41
CA LEU A 53 11.86 27.69 -4.77
C LEU A 53 12.46 28.94 -4.17
N ALA A 54 13.05 28.80 -2.98
CA ALA A 54 13.58 29.94 -2.24
C ALA A 54 14.83 30.53 -2.89
N LYS A 55 15.39 29.81 -3.86
CA LYS A 55 16.52 30.34 -4.62
C LYS A 55 16.07 31.48 -5.53
N ARG A 56 14.76 31.52 -5.81
CA ARG A 56 14.22 32.45 -6.81
C ARG A 56 13.02 33.24 -6.27
N PHE A 57 12.43 32.79 -5.17
CA PHE A 57 11.24 33.43 -4.63
C PHE A 57 11.31 33.59 -3.11
N THR A 58 10.50 34.51 -2.59
CA THR A 58 10.15 34.45 -1.17
C THR A 58 9.05 33.40 -1.07
N VAL A 59 9.27 32.41 -0.22
CA VAL A 59 8.34 31.30 -0.10
C VAL A 59 7.67 31.29 1.26
N ILE A 60 6.35 31.22 1.28
CA ILE A 60 5.62 31.04 2.54
CA ILE A 60 5.63 31.05 2.53
C ILE A 60 4.71 29.82 2.44
N ALA A 61 4.73 29.01 3.49
CA ALA A 61 3.86 27.83 3.57
C ALA A 61 3.10 27.84 4.87
N PRO A 62 1.83 28.25 4.84
CA PRO A 62 1.04 28.32 6.07
C PRO A 62 0.38 26.98 6.42
N ASP A 63 0.04 26.83 7.70
CA ASP A 63 -0.84 25.75 8.12
C ASP A 63 -2.28 26.23 8.01
N LEU A 64 -3.13 25.43 7.38
CA LEU A 64 -4.53 25.80 7.26
C LEU A 64 -5.14 26.00 8.63
N PRO A 65 -6.14 26.89 8.73
CA PRO A 65 -6.77 27.11 10.04
C PRO A 65 -7.21 25.82 10.73
N GLY A 66 -6.81 25.69 11.99
CA GLY A 66 -7.11 24.52 12.80
C GLY A 66 -6.15 23.35 12.65
N LEU A 67 -5.41 23.34 11.54
CA LEU A 67 -4.46 22.26 11.25
C LEU A 67 -3.04 22.72 11.57
N GLY A 68 -2.12 21.76 11.69
CA GLY A 68 -0.75 22.10 12.02
C GLY A 68 -0.74 22.94 13.28
N GLN A 69 -0.06 24.08 13.23
CA GLN A 69 0.07 24.98 14.37
C GLN A 69 -0.79 26.23 14.23
N SER A 70 -1.76 26.19 13.33
CA SER A 70 -2.69 27.30 13.13
C SER A 70 -3.95 27.17 13.97
N GLU A 71 -4.38 28.28 14.54
CA GLU A 71 -5.66 28.32 15.24
C GLU A 71 -6.85 28.08 14.31
N PRO A 72 -7.94 27.53 14.85
CA PRO A 72 -9.16 27.34 14.06
C PRO A 72 -9.68 28.66 13.54
N PRO A 73 -10.41 28.63 12.42
CA PRO A 73 -11.03 29.85 11.91
C PRO A 73 -12.13 30.33 12.86
N LYS A 74 -12.33 31.64 12.92
CA LYS A 74 -13.37 32.18 13.79
C LYS A 74 -14.70 32.36 13.06
N THR A 75 -14.63 32.47 11.74
CA THR A 75 -15.83 32.62 10.93
C THR A 75 -16.43 31.24 10.63
N GLY A 76 -15.70 30.44 9.87
CA GLY A 76 -16.17 29.11 9.55
C GLY A 76 -15.22 28.43 8.58
N TYR A 77 -15.60 27.26 8.08
CA TYR A 77 -14.67 26.41 7.35
C TYR A 77 -14.99 26.29 5.86
N SER A 78 -16.02 27.02 5.40
CA SER A 78 -16.31 27.05 3.97
C SER A 78 -15.16 27.69 3.22
N GLY A 79 -15.06 27.38 1.93
CA GLY A 79 -13.95 27.84 1.13
C GLY A 79 -13.80 29.34 1.14
N GLU A 80 -14.93 30.04 1.05
CA GLU A 80 -14.88 31.49 0.98
C GLU A 80 -14.39 32.10 2.29
N GLN A 81 -14.82 31.52 3.41
CA GLN A 81 -14.41 32.02 4.71
C GLN A 81 -12.92 31.79 4.96
N VAL A 82 -12.44 30.60 4.62
CA VAL A 82 -11.04 30.30 4.88
C VAL A 82 -10.13 31.09 3.95
N ALA A 83 -10.58 31.29 2.71
CA ALA A 83 -9.79 32.00 1.70
C ALA A 83 -9.43 33.42 2.15
N VAL A 84 -10.33 34.04 2.90
CA VAL A 84 -10.07 35.39 3.43
C VAL A 84 -8.79 35.40 4.27
N TYR A 85 -8.64 34.43 5.17
CA TYR A 85 -7.46 34.34 6.00
C TYR A 85 -6.21 34.19 5.15
N LEU A 86 -6.28 33.30 4.17
CA LEU A 86 -5.12 33.01 3.34
C LEU A 86 -4.74 34.19 2.44
N HIS A 87 -5.74 34.84 1.86
CA HIS A 87 -5.50 36.01 1.02
C HIS A 87 -4.87 37.13 1.83
N LYS A 88 -5.40 37.38 3.02
CA LYS A 88 -4.86 38.46 3.85
C LYS A 88 -3.44 38.16 4.31
N LEU A 89 -3.16 36.90 4.65
CA LEU A 89 -1.83 36.52 5.09
C LEU A 89 -0.82 36.79 3.99
N ALA A 90 -1.15 36.33 2.77
CA ALA A 90 -0.25 36.50 1.64
C ALA A 90 -0.01 37.98 1.35
N ARG A 91 -1.09 38.76 1.44
CA ARG A 91 -1.02 40.17 1.12
C ARG A 91 -0.24 40.96 2.17
N GLN A 92 -0.08 40.42 3.37
CA GLN A 92 0.80 41.06 4.36
C GLN A 92 2.25 41.04 3.89
N PHE A 93 2.63 39.96 3.20
CA PHE A 93 4.00 39.80 2.71
C PHE A 93 4.20 40.35 1.31
N SER A 94 3.09 40.54 0.58
CA SER A 94 3.16 41.11 -0.77
C SER A 94 2.02 42.09 -1.00
N PRO A 95 2.03 43.23 -0.28
CA PRO A 95 0.94 44.21 -0.33
C PRO A 95 0.81 44.97 -1.65
N ASP A 96 1.90 45.08 -2.41
CA ASP A 96 1.95 45.94 -3.60
C ASP A 96 2.21 45.20 -4.91
N ARG A 97 2.32 43.88 -4.85
CA ARG A 97 2.60 43.07 -6.04
C ARG A 97 1.78 41.80 -5.98
N PRO A 98 1.43 41.24 -7.14
CA PRO A 98 0.77 39.93 -7.17
C PRO A 98 1.71 38.85 -6.68
N PHE A 99 1.15 37.79 -6.13
CA PHE A 99 1.95 36.65 -5.68
C PHE A 99 1.52 35.41 -6.43
N ASP A 100 2.35 34.36 -6.33
CA ASP A 100 2.03 33.07 -6.94
C ASP A 100 1.39 32.15 -5.90
N LEU A 101 0.60 31.18 -6.37
CA LEU A 101 -0.11 30.29 -5.47
C LEU A 101 0.02 28.85 -5.95
N VAL A 102 0.38 27.96 -5.03
CA VAL A 102 0.42 26.53 -5.27
C VAL A 102 -0.40 25.89 -4.18
N ALA A 103 -1.37 25.06 -4.55
CA ALA A 103 -2.24 24.46 -3.55
C ALA A 103 -2.49 23.00 -3.89
N HIS A 104 -2.55 22.17 -2.85
CA HIS A 104 -2.73 20.72 -2.98
C HIS A 104 -3.98 20.35 -2.20
N ASP A 105 -4.82 19.50 -2.78
CA ASP A 105 -5.93 18.92 -2.04
C ASP A 105 -6.88 20.02 -1.51
N ILE A 106 -7.29 19.98 -0.25
CA ILE A 106 -8.25 20.98 0.24
C ILE A 106 -7.63 22.39 0.29
N GLY A 107 -6.33 22.47 0.04
CA GLY A 107 -5.72 23.77 -0.20
C GLY A 107 -6.41 24.48 -1.37
N ILE A 108 -6.86 23.70 -2.34
CA ILE A 108 -7.63 24.22 -3.48
C ILE A 108 -8.97 24.78 -3.03
N TRP A 109 -9.69 23.99 -2.23
CA TRP A 109 -11.00 24.42 -1.71
C TRP A 109 -10.86 25.75 -0.99
N ASN A 110 -9.77 25.90 -0.24
CA ASN A 110 -9.56 27.03 0.66
C ASN A 110 -8.88 28.24 0.03
N THR A 111 -8.60 28.16 -1.26
CA THR A 111 -7.99 29.28 -1.97
C THR A 111 -8.76 29.71 -3.21
N TYR A 112 -9.52 28.79 -3.81
CA TYR A 112 -10.22 29.15 -5.05
C TYR A 112 -11.04 30.45 -4.94
N PRO A 113 -11.83 30.62 -3.87
CA PRO A 113 -12.63 31.84 -3.80
C PRO A 113 -11.79 33.12 -3.74
N MET A 114 -10.62 33.09 -3.12
CA MET A 114 -9.85 34.33 -3.09
C MET A 114 -9.12 34.60 -4.40
N VAL A 115 -8.84 33.54 -5.16
CA VAL A 115 -8.26 33.71 -6.48
C VAL A 115 -9.28 34.37 -7.42
N VAL A 116 -10.51 33.86 -7.43
CA VAL A 116 -11.51 34.38 -8.35
C VAL A 116 -11.95 35.80 -7.96
N LYS A 117 -11.91 36.09 -6.66
CA LYS A 117 -12.36 37.40 -6.19
C LYS A 117 -11.27 38.47 -6.21
N ASN A 118 -10.03 38.02 -6.37
CA ASN A 118 -8.88 38.93 -6.40
C ASN A 118 -7.89 38.55 -7.48
N GLN A 119 -8.38 38.41 -8.71
CA GLN A 119 -7.55 37.89 -9.79
C GLN A 119 -6.25 38.67 -9.99
N ALA A 120 -6.32 40.00 -9.85
CA ALA A 120 -5.13 40.82 -10.03
C ALA A 120 -4.03 40.54 -9.00
N ASP A 121 -4.38 39.92 -7.88
CA ASP A 121 -3.41 39.62 -6.82
C ASP A 121 -2.67 38.31 -7.07
N ILE A 122 -3.14 37.52 -8.02
CA ILE A 122 -2.54 36.21 -8.30
C ILE A 122 -1.86 36.21 -9.66
N ALA A 123 -0.52 36.17 -9.66
CA ALA A 123 0.22 36.18 -10.92
C ALA A 123 0.08 34.87 -11.68
N ARG A 124 0.34 33.76 -10.98
CA ARG A 124 0.35 32.42 -11.58
C ARG A 124 -0.16 31.44 -10.55
N LEU A 125 -0.78 30.36 -11.01
CA LEU A 125 -1.53 29.46 -10.16
C LEU A 125 -1.20 28.02 -10.48
N VAL A 126 -0.92 27.22 -9.45
CA VAL A 126 -0.73 25.78 -9.63
C VAL A 126 -1.67 25.05 -8.68
N TYR A 127 -2.52 24.19 -9.23
CA TYR A 127 -3.46 23.42 -8.43
C TYR A 127 -3.20 21.95 -8.66
N MET A 128 -3.15 21.18 -7.58
CA MET A 128 -2.92 19.74 -7.72
C MET A 128 -3.79 18.90 -6.81
N GLU A 129 -4.33 17.82 -7.38
CA GLU A 129 -4.90 16.72 -6.62
C GLU A 129 -6.06 17.07 -5.68
N ALA A 130 -7.08 17.74 -6.23
CA ALA A 130 -8.42 17.82 -5.63
C ALA A 130 -9.38 18.51 -6.56
N PRO A 131 -10.66 18.10 -6.52
CA PRO A 131 -11.62 18.87 -7.31
C PRO A 131 -11.88 20.22 -6.66
N ILE A 132 -12.06 21.24 -7.47
CA ILE A 132 -12.68 22.46 -7.00
C ILE A 132 -14.10 22.08 -6.59
N PRO A 133 -14.57 22.54 -5.41
CA PRO A 133 -15.92 22.13 -5.03
C PRO A 133 -16.99 22.64 -5.98
N ASP A 134 -17.63 21.72 -6.68
CA ASP A 134 -18.78 22.03 -7.55
C ASP A 134 -19.63 20.77 -7.72
N ALA A 135 -20.64 20.83 -8.57
CA ALA A 135 -21.57 19.71 -8.71
C ALA A 135 -20.94 18.40 -9.19
N ARG A 136 -19.75 18.48 -9.77
CA ARG A 136 -19.04 17.28 -10.22
C ARG A 136 -18.77 16.31 -9.06
N ILE A 137 -18.61 16.82 -7.85
CA ILE A 137 -18.29 15.95 -6.72
C ILE A 137 -19.43 15.00 -6.38
N TYR A 138 -20.65 15.36 -6.81
CA TYR A 138 -21.81 14.53 -6.51
C TYR A 138 -21.90 13.35 -7.47
N ARG A 139 -21.01 13.31 -8.45
CA ARG A 139 -21.01 12.22 -9.42
C ARG A 139 -19.95 11.16 -9.10
N PHE A 140 -19.05 11.44 -8.16
CA PHE A 140 -18.05 10.45 -7.78
C PHE A 140 -18.75 9.25 -7.15
N PRO A 141 -18.26 8.04 -7.45
CA PRO A 141 -18.88 6.81 -6.93
C PRO A 141 -18.52 6.47 -5.48
N ALA A 142 -19.51 5.93 -4.77
CA ALA A 142 -19.34 5.45 -3.40
C ALA A 142 -18.50 4.19 -3.34
N PHE A 143 -18.50 3.42 -4.44
CA PHE A 143 -17.87 2.10 -4.46
C PHE A 143 -17.51 1.77 -5.90
N THR A 144 -16.36 1.14 -6.11
CA THR A 144 -15.92 0.83 -7.48
C THR A 144 -15.62 -0.67 -7.68
N ALA A 145 -15.52 -1.07 -8.94
CA ALA A 145 -15.18 -2.45 -9.28
C ALA A 145 -13.81 -2.87 -8.76
N GLN A 146 -13.00 -1.90 -8.31
CA GLN A 146 -11.71 -2.22 -7.69
C GLN A 146 -11.82 -2.21 -6.17
N GLY A 147 -12.98 -1.76 -5.68
CA GLY A 147 -13.26 -1.71 -4.26
C GLY A 147 -13.36 -0.33 -3.66
N GLU A 148 -12.72 -0.17 -2.51
CA GLU A 148 -12.71 1.08 -1.74
C GLU A 148 -12.56 2.33 -2.62
N SER A 149 -13.64 3.10 -2.69
CA SER A 149 -13.68 4.35 -3.44
C SER A 149 -12.74 5.39 -2.83
N LEU A 150 -12.28 6.32 -3.65
CA LEU A 150 -11.29 7.28 -3.17
C LEU A 150 -11.89 8.50 -2.50
N VAL A 151 -13.21 8.68 -2.60
CA VAL A 151 -13.84 9.81 -1.91
C VAL A 151 -14.97 9.45 -0.97
N TRP A 152 -15.06 8.18 -0.57
CA TRP A 152 -16.08 7.80 0.41
C TRP A 152 -15.94 8.58 1.71
N HIS A 153 -14.73 9.00 2.02
CA HIS A 153 -14.50 9.75 3.24
C HIS A 153 -15.24 11.09 3.26
N PHE A 154 -15.58 11.64 2.10
CA PHE A 154 -16.39 12.88 2.07
C PHE A 154 -17.62 12.71 2.96
N SER A 155 -18.38 11.63 2.77
CA SER A 155 -19.56 11.38 3.59
C SER A 155 -19.23 11.01 5.03
N PHE A 156 -18.23 10.16 5.23
CA PHE A 156 -17.74 9.82 6.58
C PHE A 156 -17.40 11.08 7.39
N PHE A 157 -16.58 11.95 6.81
CA PHE A 157 -16.15 13.15 7.52
C PHE A 157 -17.28 14.17 7.69
N ALA A 158 -18.20 14.23 6.74
CA ALA A 158 -19.33 15.18 6.82
C ALA A 158 -20.46 14.70 7.73
N ALA A 159 -20.46 13.42 8.10
CA ALA A 159 -21.55 12.84 8.90
C ALA A 159 -21.80 13.58 10.22
N ASP A 160 -23.07 13.71 10.60
CA ASP A 160 -23.45 14.36 11.85
CA ASP A 160 -23.40 14.39 11.85
C ASP A 160 -23.00 13.56 13.07
N ASP A 161 -23.26 14.12 14.25
CA ASP A 161 -23.01 13.44 15.52
C ASP A 161 -21.55 13.14 15.77
N ARG A 162 -20.67 13.91 15.13
CA ARG A 162 -19.22 13.74 15.25
C ARG A 162 -18.82 12.28 15.03
N LEU A 163 -19.42 11.66 14.03
CA LEU A 163 -19.17 10.25 13.74
C LEU A 163 -17.68 9.98 13.54
N ALA A 164 -17.04 10.77 12.69
CA ALA A 164 -15.63 10.58 12.36
C ALA A 164 -14.69 10.81 13.55
N GLU A 165 -14.87 11.90 14.30
CA GLU A 165 -14.00 12.13 15.47
C GLU A 165 -14.18 11.02 16.49
N THR A 166 -15.42 10.57 16.65
CA THR A 166 -15.72 9.60 17.68
C THR A 166 -15.05 8.26 17.38
N LEU A 167 -15.03 7.88 16.11
CA LEU A 167 -14.42 6.62 15.73
C LEU A 167 -12.91 6.73 15.62
N ILE A 168 -12.41 7.89 15.19
CA ILE A 168 -10.99 8.03 14.89
C ILE A 168 -10.15 8.45 16.11
N ALA A 169 -10.76 9.17 17.07
CA ALA A 169 -10.02 9.58 18.27
C ALA A 169 -9.32 8.40 18.94
N GLY A 170 -8.03 8.57 19.22
CA GLY A 170 -7.21 7.51 19.80
C GLY A 170 -6.70 6.49 18.79
N LYS A 171 -7.14 6.62 17.54
CA LYS A 171 -6.69 5.71 16.48
C LYS A 171 -6.24 6.53 15.28
N GLU A 172 -5.76 7.75 15.55
CA GLU A 172 -5.45 8.69 14.49
C GLU A 172 -4.30 8.19 13.63
N ARG A 173 -3.31 7.60 14.28
CA ARG A 173 -2.12 7.11 13.60
C ARG A 173 -2.46 5.95 12.66
N PHE A 174 -3.28 5.02 13.14
CA PHE A 174 -3.79 3.92 12.32
C PHE A 174 -4.58 4.44 11.13
N PHE A 175 -5.53 5.33 11.40
CA PHE A 175 -6.37 5.84 10.33
C PHE A 175 -5.57 6.56 9.25
N LEU A 176 -4.64 7.42 9.67
CA LEU A 176 -3.91 8.22 8.70
C LEU A 176 -3.02 7.37 7.80
N GLU A 177 -2.38 6.34 8.38
CA GLU A 177 -1.57 5.45 7.54
C GLU A 177 -2.44 4.80 6.48
N HIS A 178 -3.62 4.33 6.87
CA HIS A 178 -4.52 3.74 5.88
C HIS A 178 -4.96 4.75 4.83
N PHE A 179 -5.37 5.92 5.28
CA PHE A 179 -5.86 6.92 4.34
C PHE A 179 -4.76 7.31 3.35
N ILE A 180 -3.57 7.57 3.88
CA ILE A 180 -2.49 8.01 3.00
C ILE A 180 -2.08 6.91 2.03
N LYS A 181 -1.81 5.71 2.54
CA LYS A 181 -1.37 4.65 1.65
C LYS A 181 -2.44 4.22 0.63
N SER A 182 -3.71 4.24 1.04
CA SER A 182 -4.80 3.89 0.12
C SER A 182 -4.94 4.89 -1.02
N HIS A 183 -4.40 6.09 -0.83
CA HIS A 183 -4.42 7.12 -1.85
C HIS A 183 -3.08 7.29 -2.57
N ALA A 184 -2.19 6.32 -2.37
CA ALA A 184 -0.86 6.42 -2.96
C ALA A 184 -0.57 5.33 -3.98
N SER A 185 0.37 5.64 -4.87
CA SER A 185 0.95 4.66 -5.81
CA SER A 185 0.95 4.66 -5.79
C SER A 185 2.31 4.24 -5.26
N ASN A 186 3.16 5.21 -4.94
CA ASN A 186 4.44 4.95 -4.32
CA ASN A 186 4.44 4.94 -4.31
C ASN A 186 4.33 5.00 -2.80
N THR A 187 3.83 3.93 -2.20
CA THR A 187 3.58 3.93 -0.76
C THR A 187 4.87 3.89 0.06
N GLU A 188 5.96 3.44 -0.56
CA GLU A 188 7.23 3.26 0.14
CA GLU A 188 7.23 3.26 0.11
C GLU A 188 7.78 4.54 0.76
N VAL A 189 7.37 5.70 0.24
CA VAL A 189 7.87 6.96 0.78
C VAL A 189 7.25 7.31 2.14
N PHE A 190 6.15 6.64 2.48
CA PHE A 190 5.49 6.94 3.74
C PHE A 190 5.99 6.03 4.83
N SER A 191 7.21 6.34 5.26
CA SER A 191 7.84 5.66 6.36
C SER A 191 7.01 5.81 7.63
N GLU A 192 7.23 4.89 8.55
CA GLU A 192 6.60 4.99 9.86
C GLU A 192 6.99 6.29 10.55
N ARG A 193 8.23 6.71 10.36
CA ARG A 193 8.71 7.96 10.96
C ARG A 193 7.93 9.17 10.44
N LEU A 194 7.69 9.19 9.13
CA LEU A 194 6.99 10.32 8.52
C LEU A 194 5.53 10.32 8.93
N LEU A 195 4.94 9.14 8.93
CA LEU A 195 3.55 9.00 9.33
C LEU A 195 3.36 9.39 10.79
N ASP A 196 4.36 9.11 11.62
CA ASP A 196 4.28 9.50 13.03
C ASP A 196 4.18 11.03 13.15
N LEU A 197 4.98 11.74 12.37
CA LEU A 197 4.99 13.21 12.39
C LEU A 197 3.63 13.78 12.03
N TYR A 198 3.08 13.32 10.91
CA TYR A 198 1.78 13.81 10.47
C TYR A 198 0.67 13.43 11.44
N ALA A 199 0.70 12.20 11.95
CA ALA A 199 -0.36 11.76 12.86
C ALA A 199 -0.35 12.52 14.16
N ARG A 200 0.84 12.82 14.69
CA ARG A 200 0.90 13.56 15.96
C ARG A 200 0.25 14.93 15.82
N SER A 201 0.39 15.53 14.65
CA SER A 201 -0.18 16.87 14.44
C SER A 201 -1.70 16.83 14.32
N TYR A 202 -2.22 15.92 13.51
CA TYR A 202 -3.67 15.97 13.30
C TYR A 202 -4.45 15.30 14.43
N ALA A 203 -3.72 14.62 15.33
CA ALA A 203 -4.30 14.03 16.53
C ALA A 203 -4.64 15.05 17.62
N LYS A 204 -4.08 16.25 17.56
CA LYS A 204 -4.53 17.33 18.45
C LYS A 204 -6.05 17.44 18.28
N PRO A 205 -6.81 17.40 19.39
CA PRO A 205 -8.27 17.30 19.24
C PRO A 205 -8.89 18.41 18.39
N HIS A 206 -8.39 19.64 18.52
CA HIS A 206 -8.91 20.72 17.71
C HIS A 206 -8.55 20.54 16.23
N SER A 207 -7.44 19.85 15.97
CA SER A 207 -7.02 19.61 14.60
C SER A 207 -7.80 18.47 13.95
N LEU A 208 -8.08 17.43 14.73
CA LEU A 208 -8.89 16.34 14.24
C LEU A 208 -10.28 16.88 13.88
N ASN A 209 -10.87 17.64 14.79
CA ASN A 209 -12.15 18.29 14.51
C ASN A 209 -12.10 19.24 13.32
N ALA A 210 -11.11 20.13 13.29
CA ALA A 210 -10.98 21.07 12.17
C ALA A 210 -10.93 20.35 10.83
N SER A 211 -10.18 19.25 10.80
CA SER A 211 -10.03 18.48 9.56
C SER A 211 -11.40 18.17 8.99
N PHE A 212 -12.29 17.73 9.85
CA PHE A 212 -13.58 17.22 9.39
C PHE A 212 -14.55 18.37 9.12
N GLU A 213 -14.36 19.50 9.79
CA GLU A 213 -15.22 20.65 9.55
C GLU A 213 -15.10 21.16 8.10
N TYR A 214 -13.94 20.96 7.49
CA TYR A 214 -13.77 21.35 6.08
C TYR A 214 -14.72 20.57 5.19
N TYR A 215 -14.96 19.31 5.56
CA TYR A 215 -15.89 18.47 4.83
C TYR A 215 -17.36 18.78 5.19
N ARG A 216 -17.61 19.13 6.44
CA ARG A 216 -18.96 19.56 6.87
C ARG A 216 -19.36 20.86 6.18
N ALA A 217 -18.37 21.59 5.68
CA ALA A 217 -18.63 22.83 4.96
C ALA A 217 -18.58 22.67 3.43
N LEU A 218 -18.30 21.46 2.96
CA LEU A 218 -18.14 21.21 1.53
C LEU A 218 -19.36 21.61 0.68
N ASN A 219 -20.56 21.26 1.14
CA ASN A 219 -21.74 21.65 0.39
C ASN A 219 -21.95 23.15 0.33
N GLU A 220 -21.60 23.84 1.43
CA GLU A 220 -21.63 25.30 1.42
C GLU A 220 -20.61 25.84 0.42
N SER A 221 -19.43 25.23 0.37
CA SER A 221 -18.43 25.66 -0.61
C SER A 221 -18.92 25.47 -2.05
N VAL A 222 -19.57 24.34 -2.31
CA VAL A 222 -20.16 24.11 -3.64
C VAL A 222 -21.14 25.22 -3.99
N ARG A 223 -22.00 25.57 -3.03
CA ARG A 223 -23.00 26.62 -3.29
C ARG A 223 -22.32 27.96 -3.53
N GLN A 224 -21.30 28.27 -2.73
CA GLN A 224 -20.49 29.48 -2.94
C GLN A 224 -19.90 29.51 -4.34
N ASN A 225 -19.28 28.40 -4.75
CA ASN A 225 -18.56 28.36 -6.03
C ASN A 225 -19.46 28.41 -7.25
N ALA A 226 -20.74 28.06 -7.08
CA ALA A 226 -21.68 28.10 -8.20
C ALA A 226 -21.84 29.54 -8.66
N GLU A 227 -21.80 30.47 -7.70
CA GLU A 227 -21.87 31.89 -7.99
C GLU A 227 -20.54 32.40 -8.50
N LEU A 228 -19.47 32.14 -7.75
CA LEU A 228 -18.14 32.62 -8.09
C LEU A 228 -17.67 32.20 -9.48
N ALA A 229 -18.03 30.99 -9.90
CA ALA A 229 -17.50 30.43 -11.14
C ALA A 229 -18.09 31.08 -12.39
N LYS A 230 -18.98 32.05 -12.22
CA LYS A 230 -19.52 32.79 -13.34
C LYS A 230 -18.44 33.65 -14.02
N THR A 231 -17.31 33.82 -13.36
CA THR A 231 -16.17 34.50 -13.94
CA THR A 231 -16.17 34.50 -13.95
C THR A 231 -14.97 33.55 -14.04
N ARG A 232 -14.49 33.31 -15.26
CA ARG A 232 -13.35 32.41 -15.48
C ARG A 232 -12.04 33.04 -15.04
N LEU A 233 -11.12 32.22 -14.56
CA LEU A 233 -9.79 32.72 -14.19
C LEU A 233 -8.96 33.08 -15.41
N GLN A 234 -8.23 34.19 -15.32
CA GLN A 234 -7.46 34.70 -16.46
C GLN A 234 -5.94 34.57 -16.35
N MET A 235 -5.43 34.25 -15.16
CA MET A 235 -3.98 34.16 -14.97
C MET A 235 -3.48 32.79 -15.43
N PRO A 236 -2.18 32.70 -15.80
CA PRO A 236 -1.62 31.40 -16.18
C PRO A 236 -1.82 30.36 -15.08
N THR A 237 -2.32 29.20 -15.47
CA THR A 237 -2.61 28.14 -14.50
C THR A 237 -2.02 26.82 -14.98
N MET A 238 -1.51 26.03 -14.03
CA MET A 238 -1.07 24.66 -14.31
C MET A 238 -1.76 23.72 -13.34
N THR A 239 -2.25 22.58 -13.83
CA THR A 239 -2.76 21.53 -12.95
C THR A 239 -1.82 20.34 -12.95
N LEU A 240 -1.69 19.69 -11.79
CA LEU A 240 -1.00 18.41 -11.71
C LEU A 240 -1.92 17.37 -11.08
N ALA A 241 -1.79 16.13 -11.51
CA ALA A 241 -2.57 15.04 -10.93
C ALA A 241 -1.74 13.78 -11.02
N GLY A 242 -1.99 12.84 -10.13
CA GLY A 242 -1.30 11.56 -10.22
C GLY A 242 -2.03 10.64 -11.18
N GLY A 243 -1.28 9.87 -11.95
CA GLY A 243 -1.86 8.92 -12.88
C GLY A 243 -1.90 7.50 -12.35
N GLY A 244 -1.31 7.33 -11.17
CA GLY A 244 -1.27 6.03 -10.54
C GLY A 244 -2.41 5.83 -9.55
N HIS A 245 -2.35 4.73 -8.81
CA HIS A 245 -3.38 4.44 -7.81
C HIS A 245 -3.54 5.61 -6.85
N GLY A 246 -4.78 6.02 -6.62
CA GLY A 246 -5.01 7.09 -5.67
C GLY A 246 -5.07 8.47 -6.28
N GLY A 247 -4.60 8.59 -7.51
CA GLY A 247 -4.57 9.88 -8.18
C GLY A 247 -5.86 10.24 -8.89
N MET A 248 -5.99 11.51 -9.25
CA MET A 248 -7.20 11.97 -9.90
CA MET A 248 -7.20 12.01 -9.91
C MET A 248 -7.15 11.87 -11.42
N GLY A 249 -5.98 11.55 -11.96
CA GLY A 249 -5.84 11.40 -13.40
C GLY A 249 -6.31 12.58 -14.23
N THR A 250 -7.08 12.30 -15.26
CA THR A 250 -7.46 13.35 -16.19
C THR A 250 -8.49 14.33 -15.66
N PHE A 251 -9.13 14.00 -14.54
CA PHE A 251 -10.19 14.86 -14.00
C PHE A 251 -9.67 16.27 -13.69
N GLN A 252 -8.46 16.36 -13.15
CA GLN A 252 -7.96 17.65 -12.67
C GLN A 252 -7.95 18.69 -13.79
N LEU A 253 -7.32 18.35 -14.91
CA LEU A 253 -7.24 19.30 -16.02
C LEU A 253 -8.61 19.53 -16.63
N GLU A 254 -9.38 18.46 -16.79
CA GLU A 254 -10.67 18.58 -17.45
C GLU A 254 -11.61 19.52 -16.70
N GLN A 255 -11.66 19.39 -15.37
CA GLN A 255 -12.43 20.35 -14.59
C GLN A 255 -11.86 21.76 -14.69
N MET A 256 -10.53 21.89 -14.61
CA MET A 256 -9.94 23.22 -14.60
C MET A 256 -10.22 23.98 -15.89
N LYS A 257 -10.36 23.26 -16.99
CA LYS A 257 -10.66 23.88 -18.28
C LYS A 257 -11.96 24.68 -18.23
N ALA A 258 -12.86 24.29 -17.34
CA ALA A 258 -14.14 24.98 -17.20
C ALA A 258 -13.98 26.23 -16.34
N TYR A 259 -12.85 26.34 -15.66
CA TYR A 259 -12.61 27.43 -14.72
C TYR A 259 -11.60 28.46 -15.20
N ALA A 260 -10.72 28.05 -16.11
CA ALA A 260 -9.56 28.88 -16.45
C ALA A 260 -9.40 29.01 -17.96
N GLU A 261 -9.00 30.21 -18.40
CA GLU A 261 -8.80 30.47 -19.82
C GLU A 261 -7.44 29.98 -20.29
N ASP A 262 -6.46 30.01 -19.39
CA ASP A 262 -5.08 29.69 -19.70
C ASP A 262 -4.64 28.58 -18.76
N VAL A 263 -4.74 27.33 -19.21
CA VAL A 263 -4.36 26.22 -18.34
C VAL A 263 -3.59 25.13 -19.07
N GLU A 264 -2.51 24.67 -18.45
CA GLU A 264 -1.83 23.48 -18.92
C GLU A 264 -1.88 22.43 -17.83
N GLY A 265 -2.03 21.17 -18.22
CA GLY A 265 -2.18 20.13 -17.23
C GLY A 265 -1.21 18.97 -17.45
N HIS A 266 -0.84 18.32 -16.36
CA HIS A 266 0.03 17.16 -16.41
C HIS A 266 -0.49 16.06 -15.51
N VAL A 267 -0.43 14.83 -16.01
CA VAL A 267 -0.72 13.65 -15.21
C VAL A 267 0.59 12.89 -15.05
N LEU A 268 0.99 12.67 -13.81
CA LEU A 268 2.28 12.06 -13.53
C LEU A 268 2.14 10.56 -13.34
N PRO A 269 2.76 9.76 -14.22
CA PRO A 269 2.55 8.31 -14.16
C PRO A 269 3.22 7.72 -12.94
N GLY A 270 2.62 6.70 -12.35
CA GLY A 270 3.21 5.99 -11.23
C GLY A 270 3.19 6.80 -9.95
N CYS A 271 2.35 7.82 -9.93
CA CYS A 271 2.23 8.71 -8.76
C CYS A 271 0.77 8.82 -8.39
N GLY A 272 0.48 8.74 -7.09
CA GLY A 272 -0.89 8.86 -6.61
C GLY A 272 -1.28 10.26 -6.18
N HIS A 273 -1.95 10.36 -5.04
CA HIS A 273 -2.46 11.63 -4.55
C HIS A 273 -1.37 12.55 -3.98
N TRP A 274 -0.35 11.94 -3.41
CA TRP A 274 0.62 12.68 -2.59
C TRP A 274 1.82 13.12 -3.40
N LEU A 275 1.59 13.94 -4.41
CA LEU A 275 2.64 14.25 -5.38
C LEU A 275 3.98 14.74 -4.81
N PRO A 276 3.96 15.67 -3.83
CA PRO A 276 5.27 16.18 -3.38
C PRO A 276 6.19 15.13 -2.78
N GLU A 277 5.62 14.07 -2.22
CA GLU A 277 6.39 13.05 -1.55
C GLU A 277 6.57 11.79 -2.41
N GLU A 278 5.53 11.39 -3.13
CA GLU A 278 5.61 10.21 -3.99
C GLU A 278 6.47 10.44 -5.21
N CYS A 279 6.46 11.68 -5.72
CA CYS A 279 7.14 11.97 -6.98
C CYS A 279 7.76 13.36 -6.92
N ALA A 280 8.61 13.54 -5.91
CA ALA A 280 9.28 14.81 -5.65
C ALA A 280 10.03 15.38 -6.84
N ALA A 281 10.86 14.58 -7.50
CA ALA A 281 11.67 15.12 -8.60
C ALA A 281 10.84 15.68 -9.77
N PRO A 282 9.96 14.88 -10.37
CA PRO A 282 9.23 15.46 -11.50
C PRO A 282 8.22 16.53 -11.08
N MET A 283 7.59 16.38 -9.91
CA MET A 283 6.64 17.41 -9.46
C MET A 283 7.36 18.73 -9.18
N ASN A 284 8.47 18.66 -8.46
CA ASN A 284 9.17 19.91 -8.11
C ASN A 284 9.62 20.62 -9.37
N ARG A 285 10.09 19.84 -10.36
CA ARG A 285 10.59 20.40 -11.61
C ARG A 285 9.47 21.12 -12.37
N LEU A 286 8.32 20.47 -12.47
CA LEU A 286 7.17 21.09 -13.12
C LEU A 286 6.78 22.40 -12.46
N VAL A 287 6.73 22.41 -11.13
CA VAL A 287 6.33 23.62 -10.41
C VAL A 287 7.35 24.75 -10.55
N ILE A 288 8.63 24.42 -10.35
CA ILE A 288 9.68 25.41 -10.47
C ILE A 288 9.71 26.02 -11.87
N ASP A 289 9.64 25.17 -12.89
CA ASP A 289 9.68 25.67 -14.26
C ASP A 289 8.48 26.56 -14.57
N PHE A 290 7.30 26.12 -14.15
CA PHE A 290 6.10 26.88 -14.45
C PHE A 290 6.15 28.26 -13.81
N LEU A 291 6.52 28.31 -12.54
CA LEU A 291 6.57 29.59 -11.83
C LEU A 291 7.71 30.48 -12.32
N SER A 292 8.74 29.85 -12.86
CA SER A 292 9.90 30.60 -13.35
C SER A 292 9.70 31.23 -14.71
N ARG A 293 8.53 30.99 -15.31
CA ARG A 293 8.14 31.71 -16.52
C ARG A 293 7.81 33.15 -16.17
N GLY A 294 7.36 33.42 -14.96
CA GLY A 294 7.26 34.80 -14.47
C GLY A 294 8.54 35.40 -13.89
N ARG A 295 8.56 36.72 -13.71
CA ARG A 295 9.72 37.37 -13.09
C ARG A 295 10.07 36.71 -11.74
N HIS A 296 11.35 36.49 -11.56
CA HIS A 296 11.94 36.09 -10.31
C HIS A 296 13.35 36.64 -10.27
N HIS A 297 14.14 36.17 -9.37
CA HIS A 297 15.53 36.65 -9.28
C HIS A 297 16.50 35.49 -9.14
N ALA B 1 -27.24 -19.22 26.30
CA ALA B 1 -28.29 -18.22 26.34
C ALA B 1 -28.70 -17.79 24.94
N GLU B 2 -29.75 -16.99 24.83
CA GLU B 2 -30.21 -16.48 23.56
C GLU B 2 -29.92 -15.00 23.46
N GLU B 3 -29.52 -14.54 22.29
CA GLU B 3 -29.24 -13.12 22.08
C GLU B 3 -30.51 -12.29 21.96
N PHE B 4 -31.58 -12.93 21.48
CA PHE B 4 -32.87 -12.25 21.31
C PHE B 4 -34.01 -13.12 21.81
N PRO B 5 -35.09 -12.49 22.33
CA PRO B 5 -36.21 -13.29 22.85
C PRO B 5 -36.97 -14.04 21.76
N VAL B 6 -37.21 -15.33 21.99
CA VAL B 6 -37.91 -16.18 21.02
C VAL B 6 -39.43 -16.08 21.19
N PRO B 7 -40.17 -15.85 20.10
CA PRO B 7 -41.64 -15.75 20.17
C PRO B 7 -42.27 -17.04 20.67
N ASN B 8 -43.37 -16.93 21.41
CA ASN B 8 -44.08 -18.11 21.88
C ASN B 8 -44.46 -18.99 20.69
N GLY B 9 -44.28 -20.31 20.84
CA GLY B 9 -44.61 -21.24 19.78
C GLY B 9 -43.45 -21.48 18.82
N PHE B 10 -42.31 -20.85 19.08
CA PHE B 10 -41.14 -21.02 18.22
C PHE B 10 -39.99 -21.66 18.99
N GLU B 11 -39.07 -22.27 18.25
CA GLU B 11 -37.89 -22.86 18.88
C GLU B 11 -36.62 -22.25 18.29
N SER B 12 -35.67 -21.95 19.17
CA SER B 12 -34.32 -21.60 18.75
C SER B 12 -33.53 -22.89 18.66
N ALA B 13 -32.92 -23.14 17.51
CA ALA B 13 -32.24 -24.41 17.28
C ALA B 13 -31.07 -24.23 16.34
N TYR B 14 -30.32 -25.32 16.14
CA TYR B 14 -29.13 -25.30 15.29
C TYR B 14 -29.10 -26.50 14.36
N ARG B 15 -28.55 -26.30 13.17
CA ARG B 15 -28.26 -27.40 12.25
C ARG B 15 -26.87 -27.24 11.66
N GLU B 16 -26.17 -28.35 11.49
CA GLU B 16 -24.89 -28.33 10.81
C GLU B 16 -25.15 -28.40 9.31
N VAL B 17 -24.56 -27.46 8.57
CA VAL B 17 -24.65 -27.45 7.12
C VAL B 17 -23.24 -27.31 6.56
N ASP B 18 -22.77 -28.33 5.88
CA ASP B 18 -21.40 -28.33 5.37
C ASP B 18 -20.35 -27.93 6.41
N GLY B 19 -20.48 -28.46 7.62
CA GLY B 19 -19.48 -28.23 8.66
C GLY B 19 -19.61 -26.90 9.39
N VAL B 20 -20.69 -26.18 9.11
CA VAL B 20 -20.93 -24.90 9.75
C VAL B 20 -22.20 -24.96 10.59
N LYS B 21 -22.11 -24.60 11.87
CA LYS B 21 -23.27 -24.65 12.75
C LYS B 21 -24.12 -23.38 12.59
N LEU B 22 -25.30 -23.52 11.99
CA LEU B 22 -26.18 -22.38 11.74
C LEU B 22 -27.27 -22.30 12.80
N HIS B 23 -27.52 -21.08 13.27
CA HIS B 23 -28.62 -20.83 14.21
C HIS B 23 -29.87 -20.42 13.43
N TYR B 24 -31.03 -20.87 13.92
CA TYR B 24 -32.30 -20.40 13.35
C TYR B 24 -33.40 -20.42 14.40
N VAL B 25 -34.49 -19.72 14.11
CA VAL B 25 -35.68 -19.80 14.91
C VAL B 25 -36.81 -20.30 14.02
N LYS B 26 -37.54 -21.31 14.49
CA LYS B 26 -38.50 -22.02 13.67
C LYS B 26 -39.84 -22.24 14.38
N GLY B 27 -40.93 -22.16 13.63
CA GLY B 27 -42.25 -22.42 14.17
C GLY B 27 -43.27 -22.50 13.05
N GLY B 28 -44.45 -23.03 13.37
CA GLY B 28 -45.54 -23.02 12.42
C GLY B 28 -45.74 -24.38 11.78
N GLN B 29 -46.72 -24.42 10.88
CA GLN B 29 -47.05 -25.63 10.15
C GLN B 29 -47.42 -25.21 8.74
N GLY B 30 -47.10 -26.06 7.78
CA GLY B 30 -47.42 -25.79 6.39
C GLY B 30 -46.14 -25.79 5.57
N PRO B 31 -46.24 -25.32 4.33
CA PRO B 31 -45.07 -25.22 3.46
C PRO B 31 -44.06 -24.27 4.09
N LEU B 32 -42.80 -24.40 3.72
CA LEU B 32 -41.75 -23.63 4.36
C LEU B 32 -41.58 -22.25 3.76
N VAL B 33 -41.39 -21.26 4.65
CA VAL B 33 -40.93 -19.95 4.23
CA VAL B 33 -40.94 -19.94 4.25
C VAL B 33 -39.68 -19.63 5.05
N MET B 34 -38.62 -19.26 4.34
CA MET B 34 -37.38 -18.87 5.00
C MET B 34 -37.22 -17.35 4.92
N LEU B 35 -36.96 -16.73 6.08
CA LEU B 35 -36.84 -15.29 6.17
C LEU B 35 -35.37 -14.99 6.47
N VAL B 36 -34.71 -14.18 5.63
CA VAL B 36 -33.28 -13.93 5.77
C VAL B 36 -32.96 -12.47 6.00
N HIS B 37 -32.36 -12.20 7.16
CA HIS B 37 -32.01 -10.84 7.60
C HIS B 37 -30.81 -10.25 6.89
N GLY B 38 -30.52 -9.00 7.24
CA GLY B 38 -29.41 -8.28 6.64
C GLY B 38 -28.45 -7.69 7.65
N PHE B 39 -27.65 -6.73 7.18
CA PHE B 39 -26.60 -6.14 7.98
C PHE B 39 -27.11 -5.39 9.20
N GLY B 40 -26.40 -5.53 10.31
CA GLY B 40 -26.70 -4.80 11.53
C GLY B 40 -27.74 -5.54 12.36
N GLN B 41 -28.26 -6.63 11.80
CA GLN B 41 -29.38 -7.31 12.43
C GLN B 41 -29.18 -8.83 12.45
N THR B 42 -30.23 -9.52 12.86
CA THR B 42 -30.21 -10.97 13.00
C THR B 42 -31.61 -11.48 12.68
N TRP B 43 -31.88 -12.75 12.97
CA TRP B 43 -33.19 -13.33 12.73
C TRP B 43 -34.30 -12.48 13.36
N TYR B 44 -33.94 -11.77 14.42
CA TYR B 44 -34.93 -11.10 15.26
C TYR B 44 -35.68 -9.99 14.55
N GLU B 45 -35.15 -9.47 13.45
CA GLU B 45 -35.89 -8.41 12.77
C GLU B 45 -37.24 -8.95 12.25
N TRP B 46 -37.32 -10.27 12.12
CA TRP B 46 -38.54 -10.89 11.62
C TRP B 46 -39.51 -11.31 12.73
N HIS B 47 -39.23 -10.97 13.97
CA HIS B 47 -40.02 -11.53 15.08
C HIS B 47 -41.47 -11.07 15.15
N GLN B 48 -41.79 -9.96 14.47
CA GLN B 48 -43.18 -9.53 14.43
C GLN B 48 -43.94 -10.23 13.32
N LEU B 49 -43.26 -10.50 12.21
CA LEU B 49 -43.87 -11.18 11.08
C LEU B 49 -44.05 -12.68 11.35
N MET B 50 -43.10 -13.25 12.08
CA MET B 50 -43.08 -14.71 12.26
C MET B 50 -44.37 -15.32 12.81
N PRO B 51 -44.92 -14.77 13.91
CA PRO B 51 -46.14 -15.40 14.45
C PRO B 51 -47.31 -15.36 13.47
N GLU B 52 -47.44 -14.27 12.71
CA GLU B 52 -48.55 -14.14 11.76
C GLU B 52 -48.40 -15.12 10.60
N LEU B 53 -47.18 -15.23 10.07
CA LEU B 53 -46.90 -16.17 8.99
C LEU B 53 -47.05 -17.61 9.44
N ALA B 54 -46.71 -17.89 10.70
CA ALA B 54 -46.73 -19.24 11.23
C ALA B 54 -48.15 -19.81 11.34
N LYS B 55 -49.15 -18.97 11.12
CA LYS B 55 -50.53 -19.45 11.09
C LYS B 55 -50.82 -20.23 9.81
N ARG B 56 -49.99 -20.01 8.79
CA ARG B 56 -50.23 -20.57 7.47
C ARG B 56 -49.04 -21.36 6.94
N PHE B 57 -47.84 -21.07 7.47
CA PHE B 57 -46.62 -21.68 6.96
C PHE B 57 -45.72 -22.16 8.09
N THR B 58 -44.80 -23.07 7.78
CA THR B 58 -43.68 -23.34 8.66
C THR B 58 -42.67 -22.25 8.38
N VAL B 59 -42.22 -21.56 9.42
CA VAL B 59 -41.38 -20.39 9.26
C VAL B 59 -40.01 -20.62 9.86
N ILE B 60 -38.96 -20.41 9.06
CA ILE B 60 -37.61 -20.50 9.59
C ILE B 60 -36.85 -19.21 9.31
N ALA B 61 -36.22 -18.69 10.34
CA ALA B 61 -35.42 -17.46 10.22
C ALA B 61 -33.99 -17.72 10.70
N PRO B 62 -33.07 -17.97 9.77
CA PRO B 62 -31.69 -18.27 10.18
C PRO B 62 -30.88 -17.00 10.45
N ASP B 63 -29.84 -17.15 11.25
CA ASP B 63 -28.80 -16.13 11.32
C ASP B 63 -27.80 -16.39 10.22
N LEU B 64 -27.44 -15.34 9.48
CA LEU B 64 -26.45 -15.45 8.41
C LEU B 64 -25.14 -15.94 9.02
N PRO B 65 -24.35 -16.72 8.26
CA PRO B 65 -23.07 -17.21 8.77
C PRO B 65 -22.21 -16.08 9.35
N GLY B 66 -21.73 -16.30 10.57
CA GLY B 66 -20.89 -15.34 11.27
C GLY B 66 -21.67 -14.31 12.07
N LEU B 67 -22.95 -14.13 11.75
CA LEU B 67 -23.78 -13.17 12.47
C LEU B 67 -24.72 -13.87 13.44
N GLY B 68 -25.31 -13.11 14.35
CA GLY B 68 -26.14 -13.70 15.39
C GLY B 68 -25.41 -14.85 16.07
N GLN B 69 -26.07 -16.00 16.14
CA GLN B 69 -25.49 -17.16 16.79
C GLN B 69 -25.03 -18.22 15.78
N SER B 70 -24.86 -17.83 14.53
CA SER B 70 -24.36 -18.76 13.50
C SER B 70 -22.85 -18.71 13.36
N GLU B 71 -22.23 -19.88 13.17
CA GLU B 71 -20.80 -19.93 12.93
C GLU B 71 -20.45 -19.25 11.61
N PRO B 72 -19.23 -18.69 11.52
CA PRO B 72 -18.78 -18.15 10.23
C PRO B 72 -18.75 -19.21 9.15
N PRO B 73 -18.86 -18.80 7.88
CA PRO B 73 -18.77 -19.74 6.78
C PRO B 73 -17.35 -20.31 6.71
N LYS B 74 -17.22 -21.55 6.25
CA LYS B 74 -15.91 -22.17 6.14
C LYS B 74 -15.36 -22.05 4.72
N THR B 75 -16.23 -21.70 3.78
CA THR B 75 -15.81 -21.47 2.41
C THR B 75 -15.45 -20.00 2.20
N GLY B 76 -16.45 -19.12 2.27
CA GLY B 76 -16.18 -17.70 2.13
C GLY B 76 -17.45 -16.88 2.25
N TYR B 77 -17.34 -15.56 2.08
CA TYR B 77 -18.47 -14.66 2.28
C TYR B 77 -19.10 -14.14 1.00
N SER B 78 -18.67 -14.64 -0.16
CA SER B 78 -19.30 -14.19 -1.40
C SER B 78 -20.73 -14.74 -1.49
N GLY B 79 -21.54 -14.10 -2.31
CA GLY B 79 -22.95 -14.43 -2.40
C GLY B 79 -23.15 -15.88 -2.76
N GLU B 80 -22.38 -16.38 -3.72
CA GLU B 80 -22.55 -17.75 -4.15
C GLU B 80 -22.16 -18.75 -3.06
N GLN B 81 -21.10 -18.44 -2.32
CA GLN B 81 -20.68 -19.32 -1.24
C GLN B 81 -21.69 -19.35 -0.09
N VAL B 82 -22.24 -18.20 0.28
CA VAL B 82 -23.11 -18.15 1.43
C VAL B 82 -24.45 -18.78 1.08
N ALA B 83 -24.88 -18.56 -0.15
CA ALA B 83 -26.17 -19.07 -0.59
C ALA B 83 -26.25 -20.60 -0.47
N VAL B 84 -25.11 -21.28 -0.60
CA VAL B 84 -25.12 -22.74 -0.48
C VAL B 84 -25.63 -23.16 0.88
N TYR B 85 -25.10 -22.53 1.94
CA TYR B 85 -25.52 -22.83 3.30
C TYR B 85 -27.01 -22.62 3.49
N LEU B 86 -27.52 -21.49 3.02
CA LEU B 86 -28.92 -21.16 3.23
C LEU B 86 -29.82 -22.08 2.42
N HIS B 87 -29.40 -22.43 1.20
CA HIS B 87 -30.17 -23.34 0.35
C HIS B 87 -30.26 -24.72 0.97
N LYS B 88 -29.12 -25.25 1.42
CA LYS B 88 -29.12 -26.59 2.02
C LYS B 88 -29.87 -26.60 3.37
N LEU B 89 -29.77 -25.53 4.15
CA LEU B 89 -30.56 -25.47 5.38
C LEU B 89 -32.06 -25.58 5.06
N ALA B 90 -32.51 -24.82 4.06
CA ALA B 90 -33.94 -24.81 3.73
C ALA B 90 -34.38 -26.19 3.26
N ARG B 91 -33.55 -26.82 2.45
CA ARG B 91 -33.89 -28.13 1.91
C ARG B 91 -33.91 -29.23 2.97
N GLN B 92 -33.22 -29.02 4.07
CA GLN B 92 -33.29 -29.98 5.18
C GLN B 92 -34.71 -30.04 5.72
N PHE B 93 -35.42 -28.92 5.65
CA PHE B 93 -36.78 -28.84 6.17
C PHE B 93 -37.86 -28.93 5.11
N SER B 94 -37.48 -28.72 3.86
CA SER B 94 -38.43 -28.79 2.76
C SER B 94 -37.83 -29.56 1.60
N PRO B 95 -37.56 -30.86 1.81
CA PRO B 95 -36.87 -31.66 0.80
C PRO B 95 -37.72 -32.00 -0.43
N ASP B 96 -39.03 -32.04 -0.28
CA ASP B 96 -39.91 -32.57 -1.33
C ASP B 96 -40.82 -31.53 -2.01
N ARG B 97 -40.73 -30.28 -1.55
CA ARG B 97 -41.58 -29.21 -2.06
C ARG B 97 -40.70 -27.98 -2.22
N PRO B 98 -41.05 -27.08 -3.15
CA PRO B 98 -40.37 -25.78 -3.13
C PRO B 98 -40.75 -25.00 -1.87
N PHE B 99 -39.87 -24.09 -1.46
CA PHE B 99 -40.14 -23.22 -0.33
C PHE B 99 -40.21 -21.76 -0.79
N ASP B 100 -40.73 -20.89 0.08
CA ASP B 100 -40.77 -19.46 -0.18
C ASP B 100 -39.56 -18.79 0.45
N LEU B 101 -39.11 -17.69 -0.14
CA LEU B 101 -37.97 -16.98 0.40
C LEU B 101 -38.28 -15.50 0.53
N VAL B 102 -38.07 -14.96 1.71
CA VAL B 102 -38.19 -13.53 1.94
C VAL B 102 -36.82 -13.05 2.43
N ALA B 103 -36.27 -12.02 1.80
CA ALA B 103 -34.95 -11.54 2.19
C ALA B 103 -34.88 -10.02 2.26
N HIS B 104 -34.15 -9.53 3.25
CA HIS B 104 -33.99 -8.09 3.48
C HIS B 104 -32.51 -7.75 3.43
N ASP B 105 -32.16 -6.63 2.79
CA ASP B 105 -30.79 -6.14 2.86
C ASP B 105 -29.79 -7.18 2.34
N ILE B 106 -28.67 -7.42 3.03
CA ILE B 106 -27.69 -8.36 2.47
C ILE B 106 -28.17 -9.81 2.46
N GLY B 107 -29.33 -10.07 3.05
CA GLY B 107 -29.99 -11.36 2.85
C GLY B 107 -30.26 -11.59 1.37
N ILE B 108 -30.47 -10.51 0.63
CA ILE B 108 -30.62 -10.61 -0.83
C ILE B 108 -29.32 -11.08 -1.48
N TRP B 109 -28.21 -10.48 -1.08
CA TRP B 109 -26.91 -10.83 -1.65
C TRP B 109 -26.57 -12.29 -1.42
N ASN B 110 -26.99 -12.76 -0.26
CA ASN B 110 -26.67 -14.12 0.18
C ASN B 110 -27.69 -15.16 -0.23
N THR B 111 -28.71 -14.77 -0.96
CA THR B 111 -29.68 -15.76 -1.45
C THR B 111 -29.83 -15.80 -2.97
N TYR B 112 -29.61 -14.66 -3.63
CA TYR B 112 -29.82 -14.59 -5.09
C TYR B 112 -29.19 -15.76 -5.88
N PRO B 113 -27.91 -16.09 -5.60
CA PRO B 113 -27.33 -17.20 -6.38
C PRO B 113 -28.05 -18.53 -6.22
N MET B 114 -28.50 -18.87 -5.02
CA MET B 114 -29.20 -20.14 -4.86
C MET B 114 -30.61 -20.09 -5.45
N VAL B 115 -31.19 -18.89 -5.54
CA VAL B 115 -32.50 -18.75 -6.16
C VAL B 115 -32.43 -18.96 -7.67
N VAL B 116 -31.45 -18.32 -8.32
CA VAL B 116 -31.33 -18.44 -9.77
C VAL B 116 -30.83 -19.82 -10.22
N LYS B 117 -30.07 -20.49 -9.35
CA LYS B 117 -29.50 -21.80 -9.68
C LYS B 117 -30.40 -22.96 -9.32
N ASN B 118 -31.38 -22.72 -8.46
CA ASN B 118 -32.31 -23.78 -8.04
C ASN B 118 -33.75 -23.31 -8.11
N GLN B 119 -34.17 -22.85 -9.28
CA GLN B 119 -35.48 -22.20 -9.41
C GLN B 119 -36.65 -23.11 -9.09
N ALA B 120 -36.49 -24.40 -9.36
CA ALA B 120 -37.54 -25.36 -9.04
C ALA B 120 -37.75 -25.45 -7.52
N ASP B 121 -36.76 -25.00 -6.75
CA ASP B 121 -36.88 -25.08 -5.30
C ASP B 121 -37.55 -23.86 -4.68
N ILE B 122 -37.81 -22.82 -5.48
CA ILE B 122 -38.33 -21.57 -4.93
C ILE B 122 -39.73 -21.28 -5.46
N ALA B 123 -40.72 -21.39 -4.59
CA ALA B 123 -42.10 -21.20 -5.01
C ALA B 123 -42.39 -19.72 -5.27
N ARG B 124 -42.17 -18.90 -4.25
CA ARG B 124 -42.39 -17.46 -4.39
C ARG B 124 -41.24 -16.72 -3.72
N LEU B 125 -40.92 -15.53 -4.23
CA LEU B 125 -39.76 -14.77 -3.78
C LEU B 125 -40.15 -13.36 -3.36
N VAL B 126 -39.67 -12.93 -2.20
CA VAL B 126 -39.89 -11.56 -1.78
C VAL B 126 -38.57 -10.92 -1.42
N TYR B 127 -38.23 -9.83 -2.09
CA TYR B 127 -36.95 -9.14 -1.84
C TYR B 127 -37.21 -7.71 -1.42
N MET B 128 -36.55 -7.27 -0.36
CA MET B 128 -36.77 -5.90 0.10
C MET B 128 -35.49 -5.20 0.49
N GLU B 129 -35.36 -3.95 0.03
CA GLU B 129 -34.32 -3.05 0.54
C GLU B 129 -32.86 -3.53 0.46
N ALA B 130 -32.46 -4.01 -0.72
CA ALA B 130 -31.05 -4.04 -1.14
C ALA B 130 -30.94 -4.33 -2.63
N PRO B 131 -29.96 -3.70 -3.29
CA PRO B 131 -29.69 -4.08 -4.67
C PRO B 131 -29.18 -5.50 -4.73
N ILE B 132 -29.61 -6.27 -5.73
CA ILE B 132 -28.86 -7.45 -6.10
C ILE B 132 -27.49 -6.93 -6.54
N PRO B 133 -26.39 -7.56 -6.06
CA PRO B 133 -25.09 -7.04 -6.47
C PRO B 133 -24.85 -7.15 -7.97
N ASP B 134 -24.76 -5.99 -8.62
CA ASP B 134 -24.41 -5.92 -10.02
C ASP B 134 -23.80 -4.55 -10.30
N ALA B 135 -23.50 -4.26 -11.57
CA ALA B 135 -22.80 -3.02 -11.90
C ALA B 135 -23.55 -1.74 -11.53
N ARG B 136 -24.85 -1.84 -11.27
CA ARG B 136 -25.63 -0.66 -10.86
C ARG B 136 -25.08 -0.02 -9.61
N ILE B 137 -24.45 -0.81 -8.75
CA ILE B 137 -24.01 -0.30 -7.45
C ILE B 137 -22.82 0.64 -7.62
N TYR B 138 -22.15 0.54 -8.76
CA TYR B 138 -20.99 1.39 -9.04
C TYR B 138 -21.39 2.81 -9.42
N ARG B 139 -22.69 3.02 -9.59
CA ARG B 139 -23.20 4.34 -9.94
C ARG B 139 -23.63 5.17 -8.74
N PHE B 140 -23.81 4.52 -7.59
CA PHE B 140 -24.32 5.25 -6.42
C PHE B 140 -23.27 6.29 -6.00
N PRO B 141 -23.72 7.50 -5.67
CA PRO B 141 -22.75 8.56 -5.36
C PRO B 141 -22.14 8.45 -3.96
N ALA B 142 -20.89 8.90 -3.86
CA ALA B 142 -20.16 8.90 -2.61
C ALA B 142 -20.64 9.98 -1.66
N PHE B 143 -21.20 11.04 -2.22
CA PHE B 143 -21.52 12.22 -1.44
C PHE B 143 -22.68 12.94 -2.11
N THR B 144 -23.53 13.59 -1.30
CA THR B 144 -24.73 14.23 -1.84
C THR B 144 -24.80 15.69 -1.42
N ALA B 145 -25.65 16.44 -2.12
CA ALA B 145 -25.84 17.85 -1.83
C ALA B 145 -26.52 18.10 -0.48
N GLN B 146 -27.03 17.02 0.14
CA GLN B 146 -27.63 17.10 1.46
C GLN B 146 -26.73 16.54 2.55
N GLY B 147 -25.55 16.03 2.17
CA GLY B 147 -24.62 15.46 3.12
C GLY B 147 -24.32 13.99 2.87
N GLU B 148 -24.09 13.23 3.94
CA GLU B 148 -23.67 11.84 3.81
C GLU B 148 -24.57 10.95 2.92
N SER B 149 -23.91 10.18 2.06
CA SER B 149 -24.52 9.21 1.17
C SER B 149 -25.13 8.07 1.97
N LEU B 150 -26.10 7.37 1.39
CA LEU B 150 -26.64 6.20 2.05
C LEU B 150 -25.75 4.98 1.86
N VAL B 151 -24.73 5.08 1.03
CA VAL B 151 -23.93 3.89 0.69
C VAL B 151 -22.42 4.05 0.82
N TRP B 152 -21.95 5.11 1.47
CA TRP B 152 -20.49 5.28 1.63
C TRP B 152 -19.87 4.13 2.43
N HIS B 153 -20.69 3.47 3.25
CA HIS B 153 -20.22 2.35 4.05
C HIS B 153 -19.77 1.17 3.18
N PHE B 154 -20.24 1.11 1.92
CA PHE B 154 -19.78 0.04 1.01
C PHE B 154 -18.25 0.02 1.00
N SER B 155 -17.68 1.22 0.85
CA SER B 155 -16.23 1.35 0.79
C SER B 155 -15.55 1.27 2.15
N PHE B 156 -16.17 1.89 3.16
CA PHE B 156 -15.67 1.82 4.54
C PHE B 156 -15.53 0.36 4.95
N PHE B 157 -16.60 -0.41 4.73
CA PHE B 157 -16.62 -1.82 5.14
C PHE B 157 -15.71 -2.71 4.27
N ALA B 158 -15.60 -2.39 2.97
CA ALA B 158 -14.77 -3.19 2.06
C ALA B 158 -13.29 -2.93 2.21
N ALA B 159 -12.95 -1.80 2.82
CA ALA B 159 -11.56 -1.38 2.96
C ALA B 159 -10.74 -2.44 3.66
N ASP B 160 -9.46 -2.54 3.29
CA ASP B 160 -8.55 -3.46 3.96
C ASP B 160 -8.03 -2.90 5.28
N ASP B 161 -6.95 -3.50 5.78
CA ASP B 161 -6.37 -3.13 7.07
C ASP B 161 -7.34 -3.29 8.25
N ARG B 162 -8.42 -4.03 8.04
CA ARG B 162 -9.48 -4.13 9.05
C ARG B 162 -9.87 -2.73 9.53
N LEU B 163 -9.97 -1.79 8.58
CA LEU B 163 -10.33 -0.41 8.89
C LEU B 163 -11.61 -0.34 9.72
N ALA B 164 -12.67 -0.96 9.22
CA ALA B 164 -13.97 -0.90 9.91
C ALA B 164 -13.94 -1.51 11.32
N GLU B 165 -13.39 -2.70 11.48
CA GLU B 165 -13.33 -3.34 12.81
C GLU B 165 -12.50 -2.50 13.75
N THR B 166 -11.40 -1.97 13.24
CA THR B 166 -10.49 -1.22 14.11
C THR B 166 -11.12 0.07 14.60
N LEU B 167 -11.81 0.78 13.71
CA LEU B 167 -12.42 2.05 14.10
C LEU B 167 -13.69 1.84 14.92
N ILE B 168 -14.46 0.79 14.63
CA ILE B 168 -15.76 0.58 15.27
C ILE B 168 -15.65 -0.14 16.62
N ALA B 169 -14.63 -0.98 16.79
CA ALA B 169 -14.48 -1.67 18.07
C ALA B 169 -14.48 -0.70 19.26
N GLY B 170 -15.26 -1.02 20.28
CA GLY B 170 -15.40 -0.17 21.45
C GLY B 170 -16.44 0.91 21.25
N LYS B 171 -16.97 1.01 20.04
CA LYS B 171 -17.99 2.01 19.71
C LYS B 171 -19.07 1.41 18.81
N GLU B 172 -19.34 0.11 19.02
CA GLU B 172 -20.25 -0.64 18.16
C GLU B 172 -21.69 -0.13 18.25
N ARG B 173 -22.13 0.15 19.47
CA ARG B 173 -23.46 0.71 19.71
C ARG B 173 -23.61 2.09 19.09
N PHE B 174 -22.60 2.93 19.30
CA PHE B 174 -22.58 4.27 18.73
C PHE B 174 -22.67 4.23 17.21
N PHE B 175 -21.83 3.41 16.58
CA PHE B 175 -21.86 3.35 15.13
C PHE B 175 -23.18 2.82 14.59
N LEU B 176 -23.67 1.74 15.20
CA LEU B 176 -24.88 1.09 14.71
C LEU B 176 -26.09 2.00 14.84
N GLU B 177 -26.19 2.71 15.97
CA GLU B 177 -27.25 3.69 16.10
C GLU B 177 -27.21 4.73 14.98
N HIS B 178 -26.00 5.23 14.67
CA HIS B 178 -25.90 6.21 13.59
C HIS B 178 -26.31 5.61 12.26
N PHE B 179 -25.86 4.39 12.00
CA PHE B 179 -26.13 3.74 10.72
C PHE B 179 -27.61 3.46 10.57
N ILE B 180 -28.22 2.94 11.64
CA ILE B 180 -29.65 2.64 11.61
C ILE B 180 -30.45 3.91 11.39
N LYS B 181 -30.19 4.94 12.19
CA LYS B 181 -30.98 6.16 12.08
C LYS B 181 -30.76 6.90 10.76
N SER B 182 -29.54 6.87 10.23
CA SER B 182 -29.28 7.54 8.95
C SER B 182 -30.01 6.86 7.80
N HIS B 183 -30.43 5.61 8.01
CA HIS B 183 -31.16 4.90 6.96
C HIS B 183 -32.63 4.74 7.31
N ALA B 184 -33.08 5.43 8.35
CA ALA B 184 -34.46 5.29 8.83
C ALA B 184 -35.31 6.52 8.55
N SER B 185 -36.62 6.31 8.42
CA SER B 185 -37.59 7.41 8.48
C SER B 185 -38.21 7.47 9.87
N ASN B 186 -38.54 6.29 10.39
CA ASN B 186 -39.17 6.18 11.70
CA ASN B 186 -39.18 6.17 11.69
C ASN B 186 -38.21 5.64 12.74
N THR B 187 -37.48 6.56 13.37
CA THR B 187 -36.44 6.16 14.33
C THR B 187 -36.98 5.69 15.68
N GLU B 188 -38.24 6.03 15.98
CA GLU B 188 -38.82 5.74 17.29
CA GLU B 188 -38.83 5.73 17.28
C GLU B 188 -38.97 4.24 17.56
N VAL B 189 -39.08 3.44 16.50
CA VAL B 189 -39.22 1.99 16.67
C VAL B 189 -37.95 1.35 17.20
N PHE B 190 -36.84 2.09 17.13
CA PHE B 190 -35.56 1.59 17.62
C PHE B 190 -35.27 2.05 19.04
N SER B 191 -35.89 1.35 19.98
CA SER B 191 -35.72 1.63 21.40
C SER B 191 -34.29 1.41 21.84
N GLU B 192 -33.94 1.95 23.00
CA GLU B 192 -32.62 1.75 23.54
C GLU B 192 -32.35 0.26 23.77
N ARG B 193 -33.38 -0.47 24.22
CA ARG B 193 -33.27 -1.90 24.42
C ARG B 193 -33.00 -2.65 23.11
N LEU B 194 -33.73 -2.28 22.05
CA LEU B 194 -33.52 -2.91 20.75
C LEU B 194 -32.12 -2.65 20.18
N LEU B 195 -31.68 -1.39 20.24
CA LEU B 195 -30.34 -1.05 19.78
C LEU B 195 -29.27 -1.75 20.60
N ASP B 196 -29.51 -1.87 21.91
CA ASP B 196 -28.57 -2.59 22.79
C ASP B 196 -28.41 -4.03 22.32
N LEU B 197 -29.53 -4.69 22.05
CA LEU B 197 -29.53 -6.10 21.65
C LEU B 197 -28.78 -6.32 20.33
N TYR B 198 -29.07 -5.48 19.34
CA TYR B 198 -28.42 -5.63 18.05
C TYR B 198 -26.94 -5.30 18.17
N ALA B 199 -26.62 -4.24 18.91
CA ALA B 199 -25.24 -3.83 19.06
C ALA B 199 -24.42 -4.93 19.74
N ARG B 200 -24.98 -5.56 20.77
CA ARG B 200 -24.26 -6.61 21.48
C ARG B 200 -23.97 -7.78 20.57
N SER B 201 -24.92 -8.09 19.70
CA SER B 201 -24.75 -9.26 18.84
C SER B 201 -23.62 -9.06 17.82
N TYR B 202 -23.65 -7.93 17.12
CA TYR B 202 -22.68 -7.71 16.06
C TYR B 202 -21.34 -7.26 16.62
N ALA B 203 -21.31 -6.94 17.92
CA ALA B 203 -20.06 -6.55 18.58
C ALA B 203 -19.17 -7.75 18.89
N LYS B 204 -19.73 -8.96 18.89
CA LYS B 204 -18.90 -10.15 19.05
C LYS B 204 -17.81 -10.05 17.99
N PRO B 205 -16.53 -10.19 18.40
CA PRO B 205 -15.46 -9.92 17.43
C PRO B 205 -15.58 -10.70 16.11
N HIS B 206 -16.01 -11.97 16.15
CA HIS B 206 -16.16 -12.71 14.91
C HIS B 206 -17.35 -12.22 14.09
N SER B 207 -18.32 -11.58 14.76
CA SER B 207 -19.51 -11.09 14.07
C SER B 207 -19.27 -9.71 13.48
N LEU B 208 -18.47 -8.90 14.18
CA LEU B 208 -18.07 -7.60 13.66
C LEU B 208 -17.26 -7.81 12.38
N ASN B 209 -16.31 -8.73 12.43
CA ASN B 209 -15.54 -9.08 11.23
C ASN B 209 -16.43 -9.68 10.14
N ALA B 210 -17.26 -10.66 10.50
CA ALA B 210 -18.14 -11.29 9.53
C ALA B 210 -18.95 -10.24 8.79
N SER B 211 -19.48 -9.27 9.53
CA SER B 211 -20.29 -8.19 8.96
C SER B 211 -19.58 -7.56 7.79
N PHE B 212 -18.31 -7.24 7.98
CA PHE B 212 -17.60 -6.53 6.96
C PHE B 212 -17.05 -7.43 5.87
N GLU B 213 -16.83 -8.70 6.17
CA GLU B 213 -16.37 -9.63 5.15
C GLU B 213 -17.41 -9.79 4.05
N TYR B 214 -18.70 -9.63 4.37
CA TYR B 214 -19.72 -9.61 3.32
C TYR B 214 -19.43 -8.52 2.29
N TYR B 215 -18.91 -7.38 2.76
CA TYR B 215 -18.63 -6.24 1.87
C TYR B 215 -17.29 -6.42 1.17
N ARG B 216 -16.35 -7.10 1.84
CA ARG B 216 -15.06 -7.35 1.23
C ARG B 216 -15.20 -8.37 0.11
N ALA B 217 -16.30 -9.12 0.12
CA ALA B 217 -16.60 -10.05 -0.96
C ALA B 217 -17.58 -9.50 -2.00
N LEU B 218 -18.01 -8.24 -1.84
CA LEU B 218 -19.05 -7.68 -2.71
C LEU B 218 -18.66 -7.62 -4.20
N ASN B 219 -17.43 -7.20 -4.50
CA ASN B 219 -17.04 -7.16 -5.91
C ASN B 219 -17.03 -8.55 -6.49
N GLU B 220 -16.59 -9.52 -5.69
CA GLU B 220 -16.62 -10.91 -6.15
C GLU B 220 -18.05 -11.37 -6.38
N SER B 221 -18.95 -10.94 -5.50
CA SER B 221 -20.37 -11.24 -5.68
C SER B 221 -20.93 -10.66 -6.98
N VAL B 222 -20.55 -9.42 -7.28
CA VAL B 222 -20.95 -8.78 -8.54
C VAL B 222 -20.43 -9.59 -9.74
N ARG B 223 -19.16 -9.96 -9.70
CA ARG B 223 -18.63 -10.77 -10.81
C ARG B 223 -19.36 -12.11 -10.94
N GLN B 224 -19.68 -12.74 -9.81
CA GLN B 224 -20.43 -14.00 -9.83
C GLN B 224 -21.80 -13.80 -10.47
N ASN B 225 -22.48 -12.74 -10.07
CA ASN B 225 -23.83 -12.46 -10.54
C ASN B 225 -23.91 -12.07 -12.01
N ALA B 226 -22.82 -11.54 -12.55
CA ALA B 226 -22.81 -11.18 -13.96
C ALA B 226 -23.01 -12.42 -14.83
N GLU B 227 -22.49 -13.55 -14.36
CA GLU B 227 -22.69 -14.83 -15.05
C GLU B 227 -24.04 -15.44 -14.74
N LEU B 228 -24.42 -15.41 -13.46
CA LEU B 228 -25.65 -16.05 -13.04
C LEU B 228 -26.89 -15.44 -13.69
N ALA B 229 -26.82 -14.13 -13.96
CA ALA B 229 -27.97 -13.37 -14.43
C ALA B 229 -28.31 -13.64 -15.90
N LYS B 230 -27.49 -14.49 -16.55
CA LYS B 230 -27.80 -14.97 -17.88
C LYS B 230 -29.14 -15.71 -17.87
N THR B 231 -29.53 -16.22 -16.71
CA THR B 231 -30.80 -16.93 -16.53
C THR B 231 -31.77 -16.09 -15.71
N ARG B 232 -32.87 -15.70 -16.34
CA ARG B 232 -33.89 -14.90 -15.68
C ARG B 232 -34.62 -15.71 -14.61
N LEU B 233 -35.13 -15.02 -13.59
CA LEU B 233 -35.95 -15.67 -12.57
C LEU B 233 -37.38 -15.84 -13.08
N GLN B 234 -37.95 -17.02 -12.87
CA GLN B 234 -39.27 -17.35 -13.42
C GLN B 234 -40.38 -17.43 -12.37
N MET B 235 -40.00 -17.50 -11.09
CA MET B 235 -41.01 -17.64 -10.04
C MET B 235 -41.68 -16.31 -9.73
N PRO B 236 -42.93 -16.33 -9.22
CA PRO B 236 -43.61 -15.11 -8.78
C PRO B 236 -42.76 -14.39 -7.76
N THR B 237 -42.53 -13.10 -8.01
CA THR B 237 -41.63 -12.27 -7.19
CA THR B 237 -41.68 -12.31 -7.13
C THR B 237 -42.36 -11.00 -6.76
N MET B 238 -42.10 -10.56 -5.53
CA MET B 238 -42.57 -9.26 -5.07
C MET B 238 -41.39 -8.49 -4.50
N THR B 239 -41.28 -7.22 -4.85
CA THR B 239 -40.29 -6.35 -4.23
C THR B 239 -40.97 -5.36 -3.30
N LEU B 240 -40.31 -5.03 -2.19
CA LEU B 240 -40.74 -3.93 -1.33
C LEU B 240 -39.58 -2.96 -1.11
N ALA B 241 -39.89 -1.68 -1.02
CA ALA B 241 -38.88 -0.67 -0.71
C ALA B 241 -39.51 0.45 0.08
N GLY B 242 -38.71 1.15 0.89
CA GLY B 242 -39.22 2.30 1.61
C GLY B 242 -39.24 3.51 0.69
N GLY B 243 -40.28 4.35 0.81
CA GLY B 243 -40.34 5.57 0.03
C GLY B 243 -39.88 6.80 0.79
N GLY B 244 -39.63 6.65 2.08
CA GLY B 244 -39.22 7.78 2.89
C GLY B 244 -37.72 7.90 3.00
N HIS B 245 -37.26 8.80 3.88
CA HIS B 245 -35.83 8.97 4.12
C HIS B 245 -35.19 7.63 4.45
N GLY B 246 -34.07 7.35 3.79
CA GLY B 246 -33.34 6.12 4.05
C GLY B 246 -33.72 4.97 3.13
N GLY B 247 -34.86 5.10 2.45
CA GLY B 247 -35.35 4.01 1.63
C GLY B 247 -34.82 4.00 0.21
N MET B 248 -34.98 2.87 -0.48
CA MET B 248 -34.49 2.73 -1.85
C MET B 248 -35.46 3.19 -2.94
N GLY B 249 -36.72 3.42 -2.59
CA GLY B 249 -37.69 3.90 -3.56
C GLY B 249 -37.85 2.97 -4.75
N THR B 250 -37.90 3.55 -5.96
CA THR B 250 -38.24 2.76 -7.14
C THR B 250 -37.13 1.82 -7.58
N PHE B 251 -35.94 1.96 -7.01
CA PHE B 251 -34.80 1.17 -7.49
C PHE B 251 -35.05 -0.31 -7.37
N GLN B 252 -35.66 -0.73 -6.26
CA GLN B 252 -35.84 -2.17 -6.00
C GLN B 252 -36.62 -2.84 -7.12
N LEU B 253 -37.79 -2.32 -7.46
CA LEU B 253 -38.59 -2.90 -8.52
C LEU B 253 -37.94 -2.74 -9.89
N GLU B 254 -37.33 -1.59 -10.15
CA GLU B 254 -36.78 -1.36 -11.49
C GLU B 254 -35.61 -2.29 -11.77
N GLN B 255 -34.74 -2.49 -10.77
CA GLN B 255 -33.69 -3.49 -10.91
C GLN B 255 -34.27 -4.89 -11.11
N MET B 256 -35.26 -5.25 -10.30
CA MET B 256 -35.83 -6.60 -10.35
C MET B 256 -36.46 -6.89 -11.72
N LYS B 257 -37.01 -5.86 -12.36
CA LYS B 257 -37.59 -6.02 -13.70
C LYS B 257 -36.59 -6.59 -14.69
N ALA B 258 -35.30 -6.32 -14.47
CA ALA B 258 -34.27 -6.82 -15.38
C ALA B 258 -33.87 -8.27 -15.05
N TYR B 259 -34.29 -8.74 -13.88
CA TYR B 259 -33.92 -10.08 -13.43
C TYR B 259 -35.07 -11.10 -13.51
N ALA B 260 -36.31 -10.62 -13.33
CA ALA B 260 -37.45 -11.52 -13.17
C ALA B 260 -38.55 -11.26 -14.18
N GLU B 261 -39.13 -12.34 -14.68
CA GLU B 261 -40.24 -12.29 -15.62
C GLU B 261 -41.57 -11.89 -15.00
N ASP B 262 -41.78 -12.29 -13.75
CA ASP B 262 -43.06 -12.11 -13.09
C ASP B 262 -42.85 -11.39 -11.78
N VAL B 263 -42.86 -10.05 -11.82
CA VAL B 263 -42.58 -9.27 -10.63
C VAL B 263 -43.62 -8.16 -10.42
N GLU B 264 -44.02 -7.99 -9.18
CA GLU B 264 -44.83 -6.86 -8.75
C GLU B 264 -44.06 -6.16 -7.65
N GLY B 265 -44.26 -4.86 -7.50
CA GLY B 265 -43.49 -4.11 -6.53
C GLY B 265 -44.32 -3.09 -5.78
N HIS B 266 -43.90 -2.76 -4.56
CA HIS B 266 -44.53 -1.67 -3.81
C HIS B 266 -43.47 -0.81 -3.17
N VAL B 267 -43.73 0.49 -3.13
CA VAL B 267 -42.92 1.43 -2.39
C VAL B 267 -43.80 1.95 -1.26
N LEU B 268 -43.29 1.92 -0.03
CA LEU B 268 -44.09 2.27 1.13
C LEU B 268 -43.77 3.70 1.58
N PRO B 269 -44.69 4.63 1.31
CA PRO B 269 -44.43 6.02 1.73
C PRO B 269 -44.28 6.10 3.24
N GLY B 270 -43.44 7.00 3.73
CA GLY B 270 -43.27 7.19 5.16
C GLY B 270 -42.41 6.15 5.87
N CYS B 271 -41.74 5.30 5.08
CA CYS B 271 -40.92 4.21 5.61
C CYS B 271 -39.52 4.26 5.02
N GLY B 272 -38.53 3.94 5.82
CA GLY B 272 -37.15 3.97 5.38
C GLY B 272 -36.66 2.57 5.04
N HIS B 273 -35.41 2.31 5.35
CA HIS B 273 -34.76 1.06 4.96
C HIS B 273 -35.20 -0.16 5.78
N TRP B 274 -35.56 0.07 7.04
CA TRP B 274 -35.76 -1.02 7.98
C TRP B 274 -37.20 -1.46 8.02
N LEU B 275 -37.70 -1.91 6.88
CA LEU B 275 -39.15 -2.14 6.73
C LEU B 275 -39.83 -2.97 7.82
N PRO B 276 -39.25 -4.11 8.22
CA PRO B 276 -39.96 -4.93 9.20
C PRO B 276 -40.17 -4.23 10.55
N GLU B 277 -39.32 -3.26 10.88
CA GLU B 277 -39.47 -2.55 12.14
C GLU B 277 -40.13 -1.17 12.00
N GLU B 278 -39.74 -0.43 10.98
CA GLU B 278 -40.34 0.89 10.77
C GLU B 278 -41.77 0.85 10.33
N CYS B 279 -42.13 -0.20 9.58
CA CYS B 279 -43.45 -0.25 8.96
C CYS B 279 -43.98 -1.68 8.99
N ALA B 280 -43.95 -2.25 10.20
CA ALA B 280 -44.26 -3.66 10.41
C ALA B 280 -45.64 -4.06 9.87
N ALA B 281 -46.68 -3.29 10.20
CA ALA B 281 -48.03 -3.72 9.83
C ALA B 281 -48.29 -3.80 8.31
N PRO B 282 -48.01 -2.72 7.56
CA PRO B 282 -48.24 -2.85 6.11
C PRO B 282 -47.22 -3.79 5.43
N MET B 283 -45.99 -3.83 5.91
CA MET B 283 -45.05 -4.76 5.30
C MET B 283 -45.50 -6.20 5.53
N ASN B 284 -45.86 -6.50 6.79
CA ASN B 284 -46.37 -7.84 7.12
C ASN B 284 -47.57 -8.21 6.26
N ARG B 285 -48.53 -7.28 6.14
CA ARG B 285 -49.72 -7.50 5.32
C ARG B 285 -49.35 -7.86 3.88
N LEU B 286 -48.45 -7.07 3.29
CA LEU B 286 -48.10 -7.29 1.90
C LEU B 286 -47.40 -8.63 1.69
N VAL B 287 -46.51 -8.98 2.62
CA VAL B 287 -45.81 -10.27 2.54
C VAL B 287 -46.77 -11.43 2.73
N ILE B 288 -47.60 -11.37 3.77
CA ILE B 288 -48.51 -12.47 4.04
C ILE B 288 -49.49 -12.66 2.87
N ASP B 289 -50.06 -11.57 2.36
CA ASP B 289 -50.96 -11.71 1.22
C ASP B 289 -50.30 -12.31 -0.01
N PHE B 290 -49.10 -11.85 -0.33
CA PHE B 290 -48.41 -12.31 -1.54
C PHE B 290 -48.08 -13.80 -1.43
N LEU B 291 -47.54 -14.20 -0.29
CA LEU B 291 -47.22 -15.62 -0.09
C LEU B 291 -48.47 -16.50 -0.01
N SER B 292 -49.59 -15.92 0.43
CA SER B 292 -50.81 -16.70 0.61
C SER B 292 -51.57 -16.96 -0.69
N ARG B 293 -51.13 -16.33 -1.78
CA ARG B 293 -51.62 -16.72 -3.12
C ARG B 293 -51.22 -18.15 -3.49
N GLY B 294 -50.10 -18.62 -2.97
CA GLY B 294 -49.68 -20.00 -3.18
C GLY B 294 -50.44 -20.95 -2.25
N ARG B 295 -50.04 -22.21 -2.19
CA ARG B 295 -50.73 -23.15 -1.30
C ARG B 295 -50.20 -23.07 0.14
N HIS B 296 -51.10 -23.10 1.11
CA HIS B 296 -50.71 -23.00 2.52
C HIS B 296 -51.63 -23.77 3.47
N HIS B 297 -51.54 -23.48 4.77
CA HIS B 297 -52.27 -24.21 5.80
C HIS B 297 -53.77 -23.93 5.84
N ALA C 1 -6.99 -32.20 6.09
CA ALA C 1 -7.05 -30.77 6.35
C ALA C 1 -6.72 -29.97 5.10
N GLU C 2 -7.30 -28.77 4.99
CA GLU C 2 -7.04 -27.92 3.83
C GLU C 2 -6.62 -26.53 4.26
N GLU C 3 -5.52 -26.04 3.68
CA GLU C 3 -5.04 -24.71 4.02
C GLU C 3 -5.94 -23.63 3.43
N PHE C 4 -6.61 -23.95 2.31
CA PHE C 4 -7.46 -22.99 1.62
C PHE C 4 -8.77 -23.63 1.17
N PRO C 5 -9.87 -22.85 1.21
CA PRO C 5 -11.19 -23.37 0.83
C PRO C 5 -11.25 -23.83 -0.63
N VAL C 6 -11.67 -25.08 -0.83
CA VAL C 6 -11.82 -25.63 -2.15
C VAL C 6 -13.15 -25.16 -2.75
N PRO C 7 -13.12 -24.69 -4.02
CA PRO C 7 -14.34 -24.18 -4.66
C PRO C 7 -15.38 -25.28 -4.79
N ASN C 8 -16.65 -24.88 -4.81
CA ASN C 8 -17.72 -25.86 -4.93
C ASN C 8 -17.57 -26.69 -6.21
N GLY C 9 -17.67 -28.00 -6.07
CA GLY C 9 -17.55 -28.89 -7.21
C GLY C 9 -16.11 -29.28 -7.55
N PHE C 10 -15.15 -28.80 -6.76
CA PHE C 10 -13.76 -29.17 -6.96
C PHE C 10 -13.31 -30.15 -5.89
N GLU C 11 -12.27 -30.92 -6.17
CA GLU C 11 -11.70 -31.82 -5.17
C GLU C 11 -10.24 -31.46 -4.90
N SER C 12 -9.84 -31.64 -3.65
CA SER C 12 -8.45 -31.48 -3.24
C SER C 12 -7.90 -32.89 -3.12
N ALA C 13 -6.79 -33.16 -3.82
CA ALA C 13 -6.23 -34.49 -3.82
C ALA C 13 -4.71 -34.44 -3.97
N TYR C 14 -4.07 -35.61 -4.03
CA TYR C 14 -2.63 -35.69 -4.15
C TYR C 14 -2.23 -36.74 -5.18
N ARG C 15 -1.13 -36.48 -5.89
CA ARG C 15 -0.52 -37.47 -6.77
C ARG C 15 0.95 -37.60 -6.44
N GLU C 16 1.42 -38.82 -6.28
CA GLU C 16 2.85 -39.07 -6.11
C GLU C 16 3.53 -39.06 -7.47
N VAL C 17 4.52 -38.18 -7.64
CA VAL C 17 5.24 -38.06 -8.89
C VAL C 17 6.73 -38.12 -8.60
N ASP C 18 7.42 -39.14 -9.12
CA ASP C 18 8.84 -39.32 -8.84
C ASP C 18 9.17 -39.21 -7.34
N GLY C 19 8.35 -39.87 -6.53
CA GLY C 19 8.55 -39.97 -5.09
C GLY C 19 8.19 -38.72 -4.29
N VAL C 20 7.54 -37.77 -4.94
CA VAL C 20 7.13 -36.53 -4.30
C VAL C 20 5.61 -36.44 -4.32
N LYS C 21 5.02 -36.21 -3.16
CA LYS C 21 3.56 -36.15 -3.09
C LYS C 21 3.12 -34.74 -3.42
N LEU C 22 2.50 -34.55 -4.58
CA LEU C 22 2.06 -33.22 -5.00
C LEU C 22 0.59 -33.00 -4.67
N HIS C 23 0.27 -31.88 -4.04
CA HIS C 23 -1.13 -31.51 -3.81
C HIS C 23 -1.70 -30.77 -5.02
N TYR C 24 -2.97 -31.00 -5.33
CA TYR C 24 -3.63 -30.25 -6.39
C TYR C 24 -5.13 -30.13 -6.11
N VAL C 25 -5.74 -29.15 -6.75
CA VAL C 25 -7.19 -29.00 -6.71
C VAL C 25 -7.70 -29.10 -8.14
N LYS C 26 -8.76 -29.91 -8.33
CA LYS C 26 -9.21 -30.28 -9.66
C LYS C 26 -10.72 -30.17 -9.80
N GLY C 27 -11.17 -29.75 -10.97
CA GLY C 27 -12.59 -29.76 -11.28
C GLY C 27 -12.85 -29.58 -12.75
N GLY C 28 -14.10 -29.75 -13.17
CA GLY C 28 -14.47 -29.55 -14.56
C GLY C 28 -14.32 -30.77 -15.46
N GLN C 29 -14.64 -30.57 -16.73
CA GLN C 29 -14.61 -31.61 -17.74
C GLN C 29 -14.10 -31.00 -19.04
N GLY C 30 -13.48 -31.81 -19.89
CA GLY C 30 -12.90 -31.29 -21.11
C GLY C 30 -11.39 -31.39 -21.17
N PRO C 31 -10.79 -30.80 -22.22
CA PRO C 31 -9.33 -30.72 -22.29
C PRO C 31 -8.74 -30.10 -21.03
N LEU C 32 -7.52 -30.50 -20.72
CA LEU C 32 -6.90 -30.12 -19.45
C LEU C 32 -6.24 -28.78 -19.53
N VAL C 33 -6.42 -27.99 -18.48
CA VAL C 33 -5.63 -26.78 -18.29
CA VAL C 33 -5.68 -26.75 -18.27
C VAL C 33 -5.01 -26.85 -16.90
N MET C 34 -3.69 -26.67 -16.85
CA MET C 34 -3.00 -26.66 -15.58
C MET C 34 -2.63 -25.20 -15.23
N LEU C 35 -2.96 -24.76 -14.01
CA LEU C 35 -2.68 -23.41 -13.54
C LEU C 35 -1.61 -23.49 -12.46
N VAL C 36 -0.49 -22.80 -12.65
CA VAL C 36 0.64 -22.91 -11.73
C VAL C 36 0.97 -21.58 -11.05
N HIS C 37 0.83 -21.55 -9.73
CA HIS C 37 1.00 -20.35 -8.91
C HIS C 37 2.45 -19.93 -8.75
N GLY C 38 2.66 -18.82 -8.05
CA GLY C 38 3.98 -18.28 -7.80
C GLY C 38 4.32 -18.07 -6.34
N PHE C 39 5.40 -17.33 -6.11
CA PHE C 39 5.90 -17.08 -4.76
C PHE C 39 4.93 -16.32 -3.86
N GLY C 40 4.88 -16.74 -2.59
CA GLY C 40 4.04 -16.06 -1.61
C GLY C 40 2.64 -16.63 -1.57
N GLN C 41 2.33 -17.52 -2.53
CA GLN C 41 0.96 -18.00 -2.72
C GLN C 41 0.93 -19.50 -2.94
N THR C 42 -0.23 -20.00 -3.36
CA THR C 42 -0.47 -21.43 -3.55
C THR C 42 -1.50 -21.53 -4.67
N TRP C 43 -2.05 -22.73 -4.86
CA TRP C 43 -3.08 -22.95 -5.87
C TRP C 43 -4.24 -21.96 -5.73
N TYR C 44 -4.44 -21.49 -4.50
CA TYR C 44 -5.61 -20.68 -4.15
C TYR C 44 -5.67 -19.35 -4.90
N GLU C 45 -4.55 -18.84 -5.42
CA GLU C 45 -4.65 -17.60 -6.19
C GLU C 45 -5.57 -17.75 -7.40
N TRP C 46 -5.76 -18.99 -7.83
CA TRP C 46 -6.58 -19.32 -9.01
C TRP C 46 -8.04 -19.60 -8.68
N HIS C 47 -8.44 -19.49 -7.41
CA HIS C 47 -9.74 -20.00 -6.97
C HIS C 47 -10.95 -19.29 -7.59
N GLN C 48 -10.77 -18.07 -8.08
CA GLN C 48 -11.86 -17.36 -8.76
C GLN C 48 -11.93 -17.70 -10.24
N LEU C 49 -10.77 -17.88 -10.87
CA LEU C 49 -10.71 -18.26 -12.29
C LEU C 49 -11.14 -19.71 -12.47
N MET C 50 -10.86 -20.54 -11.48
CA MET C 50 -11.07 -21.99 -11.64
C MET C 50 -12.51 -22.43 -12.00
N PRO C 51 -13.53 -21.96 -11.26
CA PRO C 51 -14.90 -22.35 -11.61
C PRO C 51 -15.31 -21.91 -13.02
N GLU C 52 -14.80 -20.76 -13.46
CA GLU C 52 -15.15 -20.22 -14.76
C GLU C 52 -14.54 -21.08 -15.87
N LEU C 53 -13.28 -21.45 -15.72
CA LEU C 53 -12.61 -22.33 -16.68
C LEU C 53 -13.20 -23.73 -16.67
N ALA C 54 -13.72 -24.15 -15.53
CA ALA C 54 -14.20 -25.51 -15.37
C ALA C 54 -15.48 -25.77 -16.15
N LYS C 55 -16.08 -24.70 -16.65
CA LYS C 55 -17.28 -24.83 -17.49
C LYS C 55 -16.92 -25.37 -18.87
N ARG C 56 -15.63 -25.28 -19.23
CA ARG C 56 -15.17 -25.62 -20.56
C ARG C 56 -13.94 -26.52 -20.53
N PHE C 57 -13.33 -26.69 -19.37
CA PHE C 57 -12.08 -27.44 -19.28
C PHE C 57 -12.02 -28.29 -18.01
N THR C 58 -11.19 -29.32 -18.04
CA THR C 58 -10.76 -29.94 -16.81
C THR C 58 -9.63 -29.06 -16.30
N VAL C 59 -9.76 -28.59 -15.07
CA VAL C 59 -8.79 -27.65 -14.50
C VAL C 59 -8.04 -28.28 -13.35
N ILE C 60 -6.71 -28.22 -13.38
CA ILE C 60 -5.92 -28.65 -12.22
CA ILE C 60 -5.91 -28.66 -12.24
C ILE C 60 -5.01 -27.53 -11.78
N ALA C 61 -4.90 -27.36 -10.47
CA ALA C 61 -4.07 -26.31 -9.91
C ALA C 61 -3.22 -26.90 -8.81
N PRO C 62 -1.97 -27.25 -9.14
CA PRO C 62 -1.09 -27.88 -8.14
C PRO C 62 -0.43 -26.86 -7.24
N ASP C 63 0.03 -27.32 -6.08
CA ASP C 63 0.94 -26.52 -5.26
C ASP C 63 2.34 -26.89 -5.71
N LEU C 64 3.19 -25.89 -5.91
CA LEU C 64 4.57 -26.12 -6.25
C LEU C 64 5.27 -26.93 -5.16
N PRO C 65 6.26 -27.73 -5.56
CA PRO C 65 6.94 -28.58 -4.58
C PRO C 65 7.49 -27.76 -3.40
N GLY C 66 7.16 -28.22 -2.20
CA GLY C 66 7.59 -27.58 -0.97
C GLY C 66 6.66 -26.50 -0.49
N LEU C 67 5.78 -26.03 -1.37
CA LEU C 67 4.82 -24.97 -1.04
C LEU C 67 3.40 -25.51 -0.89
N GLY C 68 2.53 -24.71 -0.26
CA GLY C 68 1.16 -25.18 -0.04
C GLY C 68 1.22 -26.53 0.66
N GLN C 69 0.52 -27.52 0.11
CA GLN C 69 0.48 -28.86 0.71
C GLN C 69 1.28 -29.91 -0.08
N SER C 70 2.20 -29.45 -0.95
CA SER C 70 3.08 -30.37 -1.69
C SER C 70 4.43 -30.57 -1.02
N GLU C 71 4.91 -31.81 -1.06
CA GLU C 71 6.24 -32.14 -0.54
C GLU C 71 7.33 -31.44 -1.33
N PRO C 72 8.48 -31.15 -0.69
CA PRO C 72 9.65 -30.62 -1.39
C PRO C 72 10.11 -31.56 -2.50
N PRO C 73 10.77 -31.01 -3.52
CA PRO C 73 11.27 -31.88 -4.58
C PRO C 73 12.40 -32.74 -4.04
N LYS C 74 12.64 -33.88 -4.68
CA LYS C 74 13.73 -34.74 -4.23
C LYS C 74 14.99 -34.52 -5.07
N THR C 75 14.83 -33.99 -6.28
CA THR C 75 15.96 -33.68 -7.13
C THR C 75 16.56 -32.33 -6.78
N GLY C 76 15.78 -31.26 -6.99
CA GLY C 76 16.24 -29.94 -6.65
C GLY C 76 15.22 -28.90 -7.09
N TYR C 77 15.58 -27.63 -6.96
CA TYR C 77 14.64 -26.54 -7.16
C TYR C 77 14.88 -25.73 -8.45
N SER C 78 15.82 -26.17 -9.27
CA SER C 78 16.04 -25.49 -10.54
C SER C 78 14.83 -25.72 -11.44
N GLY C 79 14.67 -24.84 -12.42
CA GLY C 79 13.51 -24.87 -13.29
C GLY C 79 13.38 -26.20 -14.00
N GLU C 80 14.49 -26.72 -14.50
CA GLU C 80 14.44 -27.97 -15.22
C GLU C 80 14.02 -29.14 -14.31
N GLN C 81 14.49 -29.15 -13.07
CA GLN C 81 14.14 -30.20 -12.13
C GLN C 81 12.67 -30.14 -11.71
N VAL C 82 12.21 -28.96 -11.36
CA VAL C 82 10.82 -28.81 -10.93
C VAL C 82 9.85 -29.10 -12.07
N ALA C 83 10.21 -28.67 -13.28
CA ALA C 83 9.32 -28.80 -14.43
C ALA C 83 9.02 -30.26 -14.73
N VAL C 84 9.96 -31.16 -14.42
CA VAL C 84 9.70 -32.59 -14.58
C VAL C 84 8.48 -33.02 -13.76
N TYR C 85 8.40 -32.54 -12.53
CA TYR C 85 7.29 -32.93 -11.67
C TYR C 85 5.97 -32.44 -12.23
N LEU C 86 5.94 -31.18 -12.66
CA LEU C 86 4.72 -30.59 -13.18
C LEU C 86 4.29 -31.21 -14.51
N HIS C 87 5.26 -31.52 -15.37
CA HIS C 87 4.95 -32.09 -16.67
C HIS C 87 4.36 -33.50 -16.50
N LYS C 88 4.97 -34.29 -15.63
CA LYS C 88 4.46 -35.64 -15.37
C LYS C 88 3.08 -35.62 -14.72
N LEU C 89 2.86 -34.67 -13.81
CA LEU C 89 1.56 -34.53 -13.16
C LEU C 89 0.47 -34.26 -14.19
N ALA C 90 0.71 -33.25 -15.02
CA ALA C 90 -0.26 -32.91 -16.07
C ALA C 90 -0.50 -34.09 -17.01
N ARG C 91 0.56 -34.79 -17.38
CA ARG C 91 0.42 -35.91 -18.31
C ARG C 91 -0.34 -37.11 -17.73
N GLN C 92 -0.40 -37.23 -16.42
CA GLN C 92 -1.22 -38.27 -15.80
C GLN C 92 -2.69 -38.03 -16.13
N PHE C 93 -3.06 -36.75 -16.19
CA PHE C 93 -4.46 -36.38 -16.42
C PHE C 93 -4.76 -36.21 -17.92
N SER C 94 -3.72 -35.97 -18.71
CA SER C 94 -3.86 -35.82 -20.16
C SER C 94 -2.77 -36.59 -20.92
N PRO C 95 -2.78 -37.93 -20.82
CA PRO C 95 -1.70 -38.75 -21.40
C PRO C 95 -1.70 -38.82 -22.93
N ASP C 96 -2.83 -38.52 -23.57
CA ASP C 96 -2.99 -38.74 -25.01
C ASP C 96 -3.31 -37.47 -25.79
N ARG C 97 -3.35 -36.33 -25.11
CA ARG C 97 -3.71 -35.07 -25.74
C ARG C 97 -2.85 -33.98 -25.14
N PRO C 98 -2.53 -32.94 -25.91
CA PRO C 98 -1.81 -31.81 -25.32
C PRO C 98 -2.72 -31.05 -24.37
N PHE C 99 -2.11 -30.33 -23.43
CA PHE C 99 -2.89 -29.57 -22.45
C PHE C 99 -2.51 -28.10 -22.50
N ASP C 100 -3.34 -27.26 -21.87
CA ASP C 100 -3.06 -25.83 -21.79
C ASP C 100 -2.34 -25.51 -20.49
N LEU C 101 -1.54 -24.45 -20.51
CA LEU C 101 -0.77 -24.07 -19.33
C LEU C 101 -0.91 -22.58 -19.05
N VAL C 102 -1.23 -22.27 -17.79
CA VAL C 102 -1.23 -20.90 -17.28
C VAL C 102 -0.30 -20.84 -16.08
N ALA C 103 0.65 -19.91 -16.10
CA ALA C 103 1.62 -19.79 -15.00
C ALA C 103 1.85 -18.35 -14.59
N HIS C 104 2.00 -18.13 -13.29
CA HIS C 104 2.19 -16.81 -12.71
C HIS C 104 3.50 -16.84 -11.95
N ASP C 105 4.32 -15.80 -12.10
CA ASP C 105 5.48 -15.62 -11.22
C ASP C 105 6.45 -16.81 -11.34
N ILE C 106 6.95 -17.37 -10.23
CA ILE C 106 7.91 -18.47 -10.35
C ILE C 106 7.28 -19.73 -10.98
N GLY C 107 5.95 -19.75 -11.11
CA GLY C 107 5.31 -20.76 -11.92
C GLY C 107 5.87 -20.81 -13.34
N ILE C 108 6.31 -19.67 -13.84
CA ILE C 108 6.98 -19.61 -15.14
C ILE C 108 8.34 -20.28 -15.09
N TRP C 109 9.11 -19.98 -14.06
CA TRP C 109 10.46 -20.56 -13.92
C TRP C 109 10.34 -22.09 -13.90
N ASN C 110 9.30 -22.57 -13.22
CA ASN C 110 9.12 -24.00 -12.98
C ASN C 110 8.38 -24.75 -14.09
N THR C 111 8.01 -24.04 -15.15
CA THR C 111 7.35 -24.70 -16.27
C THR C 111 8.05 -24.49 -17.61
N TYR C 112 8.77 -23.38 -17.79
CA TYR C 112 9.40 -23.11 -19.09
C TYR C 112 10.21 -24.29 -19.67
N PRO C 113 11.09 -24.92 -18.87
CA PRO C 113 11.84 -26.05 -19.42
C PRO C 113 10.97 -27.21 -19.92
N MET C 114 9.84 -27.51 -19.28
CA MET C 114 9.06 -28.62 -19.79
C MET C 114 8.25 -28.20 -21.02
N VAL C 115 7.97 -26.91 -21.16
CA VAL C 115 7.30 -26.44 -22.36
C VAL C 115 8.23 -26.53 -23.56
N VAL C 116 9.46 -26.06 -23.41
CA VAL C 116 10.38 -26.07 -24.54
C VAL C 116 10.83 -27.50 -24.90
N LYS C 117 10.89 -28.38 -23.91
CA LYS C 117 11.32 -29.77 -24.15
C LYS C 117 10.19 -30.72 -24.58
N ASN C 118 8.94 -30.28 -24.41
CA ASN C 118 7.80 -31.10 -24.79
C ASN C 118 6.74 -30.26 -25.49
N GLN C 119 7.14 -29.57 -26.55
CA GLN C 119 6.26 -28.59 -27.19
C GLN C 119 4.93 -29.20 -27.64
N ALA C 120 4.98 -30.42 -28.16
CA ALA C 120 3.78 -31.09 -28.64
C ALA C 120 2.76 -31.35 -27.54
N ASP C 121 3.19 -31.30 -26.28
CA ASP C 121 2.27 -31.54 -25.16
C ASP C 121 1.51 -30.30 -24.71
N ILE C 122 1.92 -29.14 -25.22
CA ILE C 122 1.39 -27.85 -24.78
C ILE C 122 0.60 -27.20 -25.90
N ALA C 123 -0.73 -27.24 -25.78
CA ALA C 123 -1.59 -26.69 -26.81
C ALA C 123 -1.50 -25.17 -26.86
N ARG C 124 -1.75 -24.53 -25.72
CA ARG C 124 -1.70 -23.08 -25.62
C ARG C 124 -1.08 -22.70 -24.28
N LEU C 125 -0.46 -21.53 -24.22
CA LEU C 125 0.36 -21.12 -23.08
C LEU C 125 0.02 -19.70 -22.66
N VAL C 126 -0.19 -19.49 -21.36
CA VAL C 126 -0.34 -18.13 -20.82
C VAL C 126 0.65 -17.90 -19.69
N TYR C 127 1.52 -16.92 -19.87
CA TYR C 127 2.51 -16.58 -18.86
C TYR C 127 2.27 -15.17 -18.32
N MET C 128 2.35 -15.00 -17.00
CA MET C 128 2.10 -13.68 -16.43
C MET C 128 3.04 -13.34 -15.28
N GLU C 129 3.57 -12.13 -15.32
CA GLU C 129 4.20 -11.52 -14.15
C GLU C 129 5.41 -12.28 -13.57
N ALA C 130 6.39 -12.56 -14.43
CA ALA C 130 7.76 -12.90 -14.01
C ALA C 130 8.65 -13.06 -15.21
N PRO C 131 9.93 -12.70 -15.06
CA PRO C 131 10.82 -12.96 -16.19
C PRO C 131 11.10 -14.47 -16.28
N ILE C 132 11.17 -14.99 -17.50
CA ILE C 132 11.81 -16.29 -17.69
C ILE C 132 13.24 -16.09 -17.26
N PRO C 133 13.80 -17.03 -16.48
CA PRO C 133 15.17 -16.81 -16.02
C PRO C 133 16.19 -16.79 -17.17
N ASP C 134 16.81 -15.63 -17.35
CA ASP C 134 17.88 -15.48 -18.34
C ASP C 134 18.72 -14.27 -17.96
N ALA C 135 19.68 -13.92 -18.81
CA ALA C 135 20.63 -12.86 -18.50
C ALA C 135 19.99 -11.52 -18.23
N ARG C 136 18.75 -11.32 -18.70
CA ARG C 136 18.04 -10.06 -18.47
C ARG C 136 17.86 -9.78 -16.99
N ILE C 137 17.76 -10.82 -16.17
CA ILE C 137 17.55 -10.60 -14.74
C ILE C 137 18.74 -9.90 -14.05
N TYR C 138 19.90 -9.94 -14.69
CA TYR C 138 21.10 -9.34 -14.11
C TYR C 138 21.14 -7.84 -14.38
N ARG C 139 20.16 -7.34 -15.12
CA ARG C 139 20.12 -5.91 -15.46
C ARG C 139 19.12 -5.12 -14.62
N PHE C 140 18.27 -5.81 -13.88
CA PHE C 140 17.29 -5.13 -13.02
C PHE C 140 18.04 -4.37 -11.94
N PRO C 141 17.55 -3.19 -11.56
CA PRO C 141 18.28 -2.36 -10.59
C PRO C 141 18.02 -2.74 -9.13
N ALA C 142 19.06 -2.57 -8.30
CA ALA C 142 18.98 -2.83 -6.87
C ALA C 142 18.16 -1.77 -6.12
N PHE C 143 18.09 -0.57 -6.70
CA PHE C 143 17.50 0.57 -6.03
C PHE C 143 17.08 1.59 -7.08
N THR C 144 15.91 2.20 -6.92
CA THR C 144 15.41 3.11 -7.94
C THR C 144 15.09 4.47 -7.39
N ALA C 145 14.89 5.42 -8.30
CA ALA C 145 14.58 6.80 -7.92
C ALA C 145 13.23 6.91 -7.20
N GLN C 146 12.44 5.85 -7.23
CA GLN C 146 11.20 5.78 -6.45
C GLN C 146 11.44 5.04 -5.13
N GLY C 147 12.61 4.41 -5.01
CA GLY C 147 12.99 3.70 -3.80
C GLY C 147 13.14 2.19 -3.97
N GLU C 148 12.53 1.46 -3.04
CA GLU C 148 12.61 0.01 -2.93
C GLU C 148 12.41 -0.70 -4.27
N SER C 149 13.48 -1.34 -4.75
CA SER C 149 13.42 -2.09 -6.00
C SER C 149 12.41 -3.22 -5.88
N LEU C 150 11.84 -3.62 -7.00
CA LEU C 150 10.87 -4.70 -6.92
C LEU C 150 11.50 -6.10 -6.99
N VAL C 151 12.78 -6.22 -7.33
CA VAL C 151 13.43 -7.54 -7.29
C VAL C 151 14.64 -7.65 -6.38
N TRP C 152 14.76 -6.74 -5.42
CA TRP C 152 15.90 -6.81 -4.51
C TRP C 152 15.86 -8.10 -3.71
N HIS C 153 14.68 -8.69 -3.58
CA HIS C 153 14.55 -9.92 -2.84
C HIS C 153 15.23 -11.11 -3.52
N PHE C 154 15.52 -11.00 -4.81
CA PHE C 154 16.27 -12.06 -5.49
C PHE C 154 17.55 -12.33 -4.70
N SER C 155 18.29 -11.27 -4.37
CA SER C 155 19.53 -11.40 -3.61
C SER C 155 19.31 -11.77 -2.14
N PHE C 156 18.32 -11.15 -1.50
CA PHE C 156 17.93 -11.51 -0.14
C PHE C 156 17.65 -13.02 -0.03
N PHE C 157 16.76 -13.51 -0.88
CA PHE C 157 16.36 -14.91 -0.84
C PHE C 157 17.49 -15.90 -1.22
N ALA C 158 18.36 -15.48 -2.14
CA ALA C 158 19.45 -16.35 -2.60
C ALA C 158 20.66 -16.34 -1.67
N ALA C 159 20.68 -15.42 -0.71
CA ALA C 159 21.83 -15.27 0.16
C ALA C 159 22.15 -16.52 0.98
N ASP C 160 23.44 -16.80 1.11
CA ASP C 160 23.97 -17.93 1.84
C ASP C 160 23.59 -17.87 3.31
N ASP C 161 23.83 -18.99 4.00
CA ASP C 161 23.72 -19.09 5.45
C ASP C 161 22.30 -18.83 5.94
N ARG C 162 21.35 -19.11 5.07
CA ARG C 162 19.92 -19.03 5.40
C ARG C 162 19.56 -17.69 6.02
N LEU C 163 20.12 -16.63 5.45
CA LEU C 163 19.84 -15.27 5.91
C LEU C 163 18.35 -14.98 5.95
N ALA C 164 17.65 -15.23 4.84
CA ALA C 164 16.24 -14.87 4.76
C ALA C 164 15.34 -15.66 5.71
N GLU C 165 15.50 -16.99 5.77
CA GLU C 165 14.71 -17.78 6.72
C GLU C 165 14.97 -17.36 8.15
N THR C 166 16.24 -17.11 8.46
CA THR C 166 16.61 -16.78 9.81
C THR C 166 15.98 -15.45 10.23
N LEU C 167 15.94 -14.48 9.30
CA LEU C 167 15.36 -13.20 9.62
C LEU C 167 13.83 -13.23 9.62
N ILE C 168 13.27 -14.01 8.70
CA ILE C 168 11.81 -14.02 8.50
C ILE C 168 11.06 -14.99 9.45
N ALA C 169 11.75 -16.03 9.92
CA ALA C 169 11.14 -16.97 10.86
C ALA C 169 10.49 -16.24 12.04
N GLY C 170 9.23 -16.53 12.32
CA GLY C 170 8.50 -15.88 13.39
C GLY C 170 7.88 -14.55 12.98
N LYS C 171 8.21 -14.09 11.77
CA LYS C 171 7.69 -12.82 11.28
C LYS C 171 7.14 -12.97 9.87
N GLU C 172 6.67 -14.17 9.54
CA GLU C 172 6.27 -14.50 8.19
C GLU C 172 5.06 -13.70 7.74
N ARG C 173 4.09 -13.54 8.64
CA ARG C 173 2.87 -12.81 8.33
C ARG C 173 3.14 -11.33 8.06
N PHE C 174 4.00 -10.72 8.88
CA PHE C 174 4.46 -9.35 8.68
C PHE C 174 5.18 -9.20 7.34
N PHE C 175 6.14 -10.08 7.09
CA PHE C 175 6.90 -9.99 5.85
C PHE C 175 6.02 -10.14 4.61
N LEU C 176 5.14 -11.13 4.62
CA LEU C 176 4.31 -11.39 3.45
C LEU C 176 3.38 -10.24 3.13
N GLU C 177 2.82 -9.59 4.16
CA GLU C 177 1.97 -8.44 3.89
C GLU C 177 2.78 -7.33 3.22
N HIS C 178 3.99 -7.07 3.71
CA HIS C 178 4.80 -6.06 3.07
C HIS C 178 5.17 -6.45 1.63
N PHE C 179 5.58 -7.71 1.45
CA PHE C 179 6.00 -8.15 0.12
C PHE C 179 4.83 -8.06 -0.87
N ILE C 180 3.67 -8.55 -0.47
CA ILE C 180 2.52 -8.52 -1.37
C ILE C 180 2.09 -7.08 -1.65
N LYS C 181 1.87 -6.29 -0.62
CA LYS C 181 1.39 -4.93 -0.87
C LYS C 181 2.38 -4.05 -1.63
N SER C 182 3.68 -4.22 -1.37
CA SER C 182 4.69 -3.45 -2.07
C SER C 182 4.77 -3.80 -3.56
N HIS C 183 4.25 -4.96 -3.95
CA HIS C 183 4.20 -5.34 -5.34
C HIS C 183 2.79 -5.19 -5.95
N ALA C 184 1.92 -4.46 -5.25
CA ALA C 184 0.55 -4.29 -5.71
C ALA C 184 0.21 -2.85 -6.09
N SER C 185 -0.78 -2.73 -6.97
CA SER C 185 -1.37 -1.43 -7.28
CA SER C 185 -1.38 -1.44 -7.28
C SER C 185 -2.68 -1.30 -6.50
N ASN C 186 -3.53 -2.31 -6.64
CA ASN C 186 -4.77 -2.38 -5.89
CA ASN C 186 -4.78 -2.39 -5.88
C ASN C 186 -4.58 -3.17 -4.60
N THR C 187 -3.98 -2.51 -3.60
CA THR C 187 -3.67 -3.18 -2.33
C THR C 187 -4.92 -3.61 -1.56
N GLU C 188 -6.04 -2.97 -1.83
CA GLU C 188 -7.26 -3.16 -1.04
CA GLU C 188 -7.26 -3.15 -1.05
C GLU C 188 -7.78 -4.61 -1.07
N VAL C 189 -7.41 -5.37 -2.09
CA VAL C 189 -7.88 -6.74 -2.18
C VAL C 189 -7.18 -7.68 -1.18
N PHE C 190 -6.06 -7.23 -0.64
CA PHE C 190 -5.34 -8.06 0.30
C PHE C 190 -5.79 -7.80 1.72
N SER C 191 -6.97 -8.33 2.02
CA SER C 191 -7.54 -8.23 3.34
C SER C 191 -6.66 -8.95 4.34
N GLU C 192 -6.80 -8.57 5.60
CA GLU C 192 -6.08 -9.25 6.65
C GLU C 192 -6.41 -10.74 6.69
N ARG C 193 -7.66 -11.06 6.39
CA ARG C 193 -8.13 -12.44 6.32
C ARG C 193 -7.41 -13.26 5.24
N LEU C 194 -7.32 -12.71 4.04
CA LEU C 194 -6.62 -13.38 2.94
C LEU C 194 -5.12 -13.49 3.24
N LEU C 195 -4.52 -12.43 3.77
CA LEU C 195 -3.11 -12.46 4.14
C LEU C 195 -2.86 -13.52 5.21
N ASP C 196 -3.79 -13.67 6.14
CA ASP C 196 -3.64 -14.70 7.18
C ASP C 196 -3.52 -16.08 6.54
N LEU C 197 -4.36 -16.35 5.54
CA LEU C 197 -4.37 -17.67 4.87
C LEU C 197 -3.06 -17.96 4.17
N TYR C 198 -2.56 -17.00 3.42
CA TYR C 198 -1.33 -17.20 2.69
C TYR C 198 -0.14 -17.33 3.64
N ALA C 199 -0.11 -16.51 4.69
CA ALA C 199 1.01 -16.53 5.62
C ALA C 199 1.08 -17.84 6.39
N ARG C 200 -0.07 -18.38 6.79
CA ARG C 200 -0.07 -19.61 7.59
C ARG C 200 0.52 -20.75 6.77
N SER C 201 0.31 -20.70 5.45
CA SER C 201 0.83 -21.75 4.57
C SER C 201 2.35 -21.65 4.42
N TYR C 202 2.83 -20.48 4.05
CA TYR C 202 4.26 -20.37 3.77
C TYR C 202 5.13 -20.31 5.04
N ALA C 203 4.48 -20.16 6.20
CA ALA C 203 5.16 -20.17 7.50
C ALA C 203 5.54 -21.55 7.99
N LYS C 204 4.99 -22.60 7.37
CA LYS C 204 5.48 -23.95 7.67
C LYS C 204 6.98 -23.94 7.37
N PRO C 205 7.81 -24.35 8.34
CA PRO C 205 9.27 -24.23 8.16
C PRO C 205 9.79 -24.80 6.84
N HIS C 206 9.29 -25.96 6.40
CA HIS C 206 9.76 -26.50 5.12
C HIS C 206 9.31 -25.66 3.94
N SER C 207 8.20 -24.95 4.10
CA SER C 207 7.69 -24.11 3.01
C SER C 207 8.44 -22.78 2.92
N LEU C 208 8.77 -22.24 4.07
CA LEU C 208 9.56 -21.02 4.11
C LEU C 208 10.93 -21.32 3.48
N ASN C 209 11.51 -22.45 3.84
CA ASN C 209 12.78 -22.85 3.24
C ASN C 209 12.66 -23.13 1.73
N ALA C 210 11.66 -23.93 1.34
CA ALA C 210 11.43 -24.20 -0.07
C ALA C 210 11.28 -22.93 -0.91
N SER C 211 10.53 -21.95 -0.40
CA SER C 211 10.31 -20.67 -1.09
C SER C 211 11.64 -20.09 -1.54
N PHE C 212 12.60 -20.10 -0.63
CA PHE C 212 13.87 -19.45 -0.88
C PHE C 212 14.81 -20.31 -1.74
N GLU C 213 14.63 -21.63 -1.70
CA GLU C 213 15.43 -22.51 -2.51
C GLU C 213 15.20 -22.28 -4.00
N TYR C 214 13.98 -21.88 -4.39
CA TYR C 214 13.74 -21.52 -5.79
C TYR C 214 14.69 -20.39 -6.25
N TYR C 215 14.99 -19.49 -5.32
CA TYR C 215 15.84 -18.35 -5.63
C TYR C 215 17.32 -18.72 -5.58
N ARG C 216 17.67 -19.63 -4.68
CA ARG C 216 19.04 -20.15 -4.60
C ARG C 216 19.38 -20.98 -5.84
N ALA C 217 18.35 -21.44 -6.56
CA ALA C 217 18.58 -22.17 -7.80
C ALA C 217 18.42 -21.31 -9.05
N LEU C 218 18.13 -20.01 -8.87
CA LEU C 218 17.83 -19.12 -9.99
C LEU C 218 18.99 -19.04 -11.00
N ASN C 219 20.21 -18.90 -10.52
CA ASN C 219 21.34 -18.86 -11.44
C ASN C 219 21.52 -20.17 -12.21
N GLU C 220 21.26 -21.31 -11.57
CA GLU C 220 21.27 -22.58 -12.29
C GLU C 220 20.19 -22.63 -13.37
N SER C 221 19.00 -22.11 -13.06
CA SER C 221 17.91 -22.04 -14.04
C SER C 221 18.30 -21.18 -15.24
N VAL C 222 18.95 -20.05 -14.97
CA VAL C 222 19.44 -19.20 -16.04
C VAL C 222 20.37 -19.99 -16.94
N ARG C 223 21.32 -20.71 -16.33
CA ARG C 223 22.28 -21.48 -17.10
C ARG C 223 21.58 -22.56 -17.92
N GLN C 224 20.59 -23.21 -17.33
CA GLN C 224 19.79 -24.22 -18.04
C GLN C 224 19.05 -23.63 -19.23
N ASN C 225 18.46 -22.46 -19.04
CA ASN C 225 17.63 -21.85 -20.05
C ASN C 225 18.43 -21.25 -21.19
N ALA C 226 19.70 -20.96 -20.95
CA ALA C 226 20.56 -20.42 -22.00
C ALA C 226 20.70 -21.46 -23.12
N GLU C 227 20.72 -22.72 -22.72
CA GLU C 227 20.77 -23.82 -23.69
C GLU C 227 19.39 -24.08 -24.29
N LEU C 228 18.38 -24.22 -23.43
CA LEU C 228 17.05 -24.57 -23.90
C LEU C 228 16.48 -23.54 -24.88
N ALA C 229 16.84 -22.28 -24.70
CA ALA C 229 16.23 -21.20 -25.48
C ALA C 229 16.69 -21.14 -26.94
N LYS C 230 17.57 -22.08 -27.32
CA LYS C 230 18.00 -22.16 -28.71
C LYS C 230 16.88 -22.66 -29.61
N THR C 231 15.81 -23.18 -29.01
CA THR C 231 14.60 -23.52 -29.76
C THR C 231 13.41 -22.65 -29.34
N ARG C 232 12.91 -21.85 -30.28
CA ARG C 232 11.77 -20.97 -29.97
C ARG C 232 10.51 -21.79 -29.77
N LEU C 233 9.61 -21.26 -28.96
CA LEU C 233 8.32 -21.88 -28.74
C LEU C 233 7.40 -21.63 -29.93
N GLN C 234 6.67 -22.68 -30.33
CA GLN C 234 5.85 -22.63 -31.54
C GLN C 234 4.34 -22.56 -31.29
N MET C 235 3.91 -22.84 -30.07
CA MET C 235 2.48 -22.86 -29.76
C MET C 235 1.96 -21.45 -29.44
N PRO C 236 0.65 -21.23 -29.63
CA PRO C 236 0.08 -19.91 -29.32
C PRO C 236 0.31 -19.53 -27.87
N THR C 237 0.83 -18.33 -27.67
CA THR C 237 1.22 -17.84 -26.35
C THR C 237 0.61 -16.47 -26.10
N MET C 238 0.20 -16.22 -24.85
CA MET C 238 -0.24 -14.91 -24.44
C MET C 238 0.53 -14.53 -23.18
N THR C 239 0.99 -13.28 -23.10
CA THR C 239 1.57 -12.78 -21.86
C THR C 239 0.68 -11.74 -21.23
N LEU C 240 0.64 -11.72 -19.90
CA LEU C 240 -0.04 -10.65 -19.18
C LEU C 240 0.93 -10.05 -18.16
N ALA C 241 0.81 -8.75 -17.93
CA ALA C 241 1.62 -8.08 -16.93
C ALA C 241 0.80 -6.93 -16.37
N GLY C 242 1.13 -6.51 -15.15
CA GLY C 242 0.49 -5.33 -14.60
C GLY C 242 1.17 -4.05 -15.06
N GLY C 243 0.37 -3.03 -15.31
CA GLY C 243 0.89 -1.73 -15.71
C GLY C 243 1.00 -0.76 -14.55
N GLY C 244 0.47 -1.15 -13.40
CA GLY C 244 0.54 -0.29 -12.23
C GLY C 244 1.70 -0.62 -11.33
N HIS C 245 1.71 0.00 -10.14
CA HIS C 245 2.79 -0.23 -9.18
C HIS C 245 3.01 -1.70 -8.91
N GLY C 246 4.27 -2.13 -9.00
CA GLY C 246 4.57 -3.52 -8.70
C GLY C 246 4.54 -4.46 -9.90
N GLY C 247 4.01 -3.99 -11.02
CA GLY C 247 3.89 -4.82 -12.21
C GLY C 247 5.12 -4.77 -13.10
N MET C 248 5.19 -5.69 -14.05
CA MET C 248 6.35 -5.77 -14.93
CA MET C 248 6.34 -5.82 -14.95
C MET C 248 6.22 -4.96 -16.20
N GLY C 249 5.00 -4.46 -16.46
CA GLY C 249 4.77 -3.63 -17.63
C GLY C 249 5.16 -4.28 -18.94
N THR C 250 5.84 -3.52 -19.79
CA THR C 250 6.18 -3.99 -21.12
C THR C 250 7.23 -5.10 -21.15
N PHE C 251 7.92 -5.34 -20.04
CA PHE C 251 9.00 -6.33 -20.03
C PHE C 251 8.51 -7.72 -20.42
N GLN C 252 7.33 -8.09 -19.93
CA GLN C 252 6.83 -9.45 -20.08
C GLN C 252 6.71 -9.86 -21.56
N LEU C 253 6.03 -9.05 -22.35
CA LEU C 253 5.91 -9.30 -23.77
C LEU C 253 7.23 -9.16 -24.52
N GLU C 254 7.99 -8.11 -24.22
CA GLU C 254 9.25 -7.89 -24.92
C GLU C 254 10.20 -9.07 -24.77
N GLN C 255 10.30 -9.59 -23.55
CA GLN C 255 11.13 -10.77 -23.34
C GLN C 255 10.53 -11.96 -24.07
N MET C 256 9.22 -12.13 -23.98
CA MET C 256 8.60 -13.32 -24.58
C MET C 256 8.79 -13.36 -26.09
N LYS C 257 8.85 -12.20 -26.73
CA LYS C 257 9.07 -12.13 -28.17
C LYS C 257 10.35 -12.86 -28.60
N ALA C 258 11.34 -12.86 -27.71
CA ALA C 258 12.59 -13.57 -27.99
C ALA C 258 12.46 -15.09 -27.87
N TYR C 259 11.41 -15.54 -27.19
CA TYR C 259 11.24 -16.95 -26.87
C TYR C 259 10.17 -17.64 -27.72
N ALA C 260 9.22 -16.86 -28.24
CA ALA C 260 8.05 -17.43 -28.88
C ALA C 260 7.79 -16.84 -30.25
N GLU C 261 7.31 -17.66 -31.17
CA GLU C 261 7.00 -17.19 -32.51
C GLU C 261 5.60 -16.56 -32.60
N ASP C 262 4.69 -17.07 -31.79
CA ASP C 262 3.29 -16.67 -31.83
C ASP C 262 2.92 -16.14 -30.45
N VAL C 263 3.07 -14.84 -30.23
CA VAL C 263 2.75 -14.26 -28.93
C VAL C 263 1.92 -12.99 -29.01
N GLU C 264 0.92 -12.89 -28.15
CA GLU C 264 0.19 -11.66 -27.97
C GLU C 264 0.32 -11.25 -26.51
N GLY C 265 0.49 -9.97 -26.25
CA GLY C 265 0.71 -9.52 -24.89
C GLY C 265 -0.26 -8.46 -24.47
N HIS C 266 -0.52 -8.38 -23.17
CA HIS C 266 -1.39 -7.34 -22.63
C HIS C 266 -0.80 -6.78 -21.36
N VAL C 267 -0.89 -5.46 -21.21
CA VAL C 267 -0.53 -4.82 -19.96
C VAL C 267 -1.80 -4.27 -19.36
N LEU C 268 -2.11 -4.69 -18.13
CA LEU C 268 -3.36 -4.31 -17.51
C LEU C 268 -3.16 -3.08 -16.62
N PRO C 269 -3.79 -1.96 -16.99
CA PRO C 269 -3.58 -0.70 -16.25
C PRO C 269 -4.18 -0.78 -14.85
N GLY C 270 -3.59 -0.07 -13.90
CA GLY C 270 -4.11 -0.05 -12.55
C GLY C 270 -3.97 -1.37 -11.79
N CYS C 271 -3.15 -2.27 -12.33
CA CYS C 271 -2.91 -3.57 -11.72
C CYS C 271 -1.43 -3.81 -11.52
N GLY C 272 -1.04 -4.36 -10.37
CA GLY C 272 0.36 -4.67 -10.13
C GLY C 272 0.71 -6.12 -10.45
N HIS C 273 1.47 -6.73 -9.55
CA HIS C 273 1.97 -8.09 -9.75
C HIS C 273 0.90 -9.16 -9.62
N TRP C 274 -0.08 -8.92 -8.76
CA TRP C 274 -0.98 -9.99 -8.33
C TRP C 274 -2.26 -10.01 -9.15
N LEU C 275 -2.11 -10.24 -10.45
CA LEU C 275 -3.23 -10.06 -11.39
C LEU C 275 -4.54 -10.79 -11.02
N PRO C 276 -4.45 -12.08 -10.62
CA PRO C 276 -5.74 -12.77 -10.39
C PRO C 276 -6.59 -12.15 -9.29
N GLU C 277 -5.94 -11.49 -8.33
CA GLU C 277 -6.63 -10.88 -7.21
C GLU C 277 -6.87 -9.38 -7.38
N GLU C 278 -5.87 -8.65 -7.88
CA GLU C 278 -6.02 -7.21 -8.05
C GLU C 278 -6.97 -6.88 -9.17
N CYS C 279 -7.01 -7.73 -10.20
CA CYS C 279 -7.74 -7.39 -11.41
C CYS C 279 -8.39 -8.65 -11.99
N ALA C 280 -9.19 -9.29 -11.14
CA ALA C 280 -9.83 -10.56 -11.47
C ALA C 280 -10.69 -10.52 -12.73
N ALA C 281 -11.53 -9.50 -12.88
CA ALA C 281 -12.43 -9.48 -14.04
C ALA C 281 -11.68 -9.40 -15.39
N PRO C 282 -10.80 -8.41 -15.58
CA PRO C 282 -10.16 -8.37 -16.90
C PRO C 282 -9.16 -9.51 -17.11
N MET C 283 -8.43 -9.90 -16.06
CA MET C 283 -7.49 -11.02 -16.22
C MET C 283 -8.22 -12.33 -16.54
N ASN C 284 -9.26 -12.65 -15.79
CA ASN C 284 -9.98 -13.88 -16.06
C ASN C 284 -10.55 -13.88 -17.48
N ARG C 285 -11.07 -12.75 -17.92
CA ARG C 285 -11.68 -12.66 -19.25
C ARG C 285 -10.61 -12.93 -20.33
N LEU C 286 -9.46 -12.28 -20.17
CA LEU C 286 -8.37 -12.46 -21.13
C LEU C 286 -7.95 -13.93 -21.22
N VAL C 287 -7.80 -14.59 -20.07
CA VAL C 287 -7.36 -15.99 -20.06
C VAL C 287 -8.42 -16.92 -20.64
N ILE C 288 -9.67 -16.74 -20.22
CA ILE C 288 -10.77 -17.57 -20.72
C ILE C 288 -10.90 -17.44 -22.25
N ASP C 289 -10.87 -16.20 -22.73
CA ASP C 289 -11.00 -15.98 -24.17
C ASP C 289 -9.86 -16.60 -24.96
N PHE C 290 -8.64 -16.44 -24.45
CA PHE C 290 -7.47 -16.94 -25.15
C PHE C 290 -7.48 -18.46 -25.24
N LEU C 291 -7.83 -19.12 -24.14
CA LEU C 291 -7.83 -20.58 -24.10
C LEU C 291 -9.01 -21.14 -24.88
N SER C 292 -10.07 -20.34 -25.02
CA SER C 292 -11.28 -20.79 -25.71
C SER C 292 -11.18 -20.67 -27.23
N ARG C 293 -10.04 -20.17 -27.71
CA ARG C 293 -9.76 -20.15 -29.14
C ARG C 293 -9.45 -21.56 -29.63
N GLY C 294 -8.87 -22.38 -28.76
CA GLY C 294 -8.68 -23.80 -29.03
C GLY C 294 -9.99 -24.50 -28.75
N ARG C 295 -10.13 -25.76 -29.14
CA ARG C 295 -11.39 -26.44 -28.90
C ARG C 295 -11.53 -26.88 -27.44
N HIS C 296 -12.75 -26.79 -26.92
CA HIS C 296 -13.01 -27.06 -25.52
C HIS C 296 -14.38 -27.72 -25.32
N HIS C 297 -14.79 -27.85 -24.07
CA HIS C 297 -16.10 -28.42 -23.73
C HIS C 297 -17.22 -27.45 -24.09
N ALA D 1 30.39 4.26 31.04
CA ALA D 1 30.50 3.12 30.13
C ALA D 1 30.77 3.57 28.70
N GLU D 2 31.61 2.83 27.99
CA GLU D 2 31.91 3.12 26.59
C GLU D 2 31.62 1.88 25.76
N GLU D 3 31.02 2.08 24.59
CA GLU D 3 30.75 0.96 23.70
C GLU D 3 32.04 0.35 23.12
N PHE D 4 33.08 1.15 22.98
CA PHE D 4 34.34 0.66 22.41
C PHE D 4 35.56 1.18 23.18
N PRO D 5 36.63 0.38 23.23
CA PRO D 5 37.85 0.80 23.92
C PRO D 5 38.48 2.06 23.32
N VAL D 6 38.71 3.07 24.15
CA VAL D 6 39.35 4.30 23.72
C VAL D 6 40.87 4.12 23.75
N PRO D 7 41.56 4.53 22.67
CA PRO D 7 43.02 4.38 22.64
C PRO D 7 43.69 5.30 23.66
N ASN D 8 44.84 4.90 24.16
CA ASN D 8 45.58 5.72 25.12
C ASN D 8 45.92 7.07 24.47
N GLY D 9 45.78 8.15 25.24
CA GLY D 9 46.06 9.47 24.71
C GLY D 9 44.84 10.13 24.12
N PHE D 10 43.73 9.39 24.09
CA PHE D 10 42.49 9.92 23.53
C PHE D 10 41.43 10.08 24.59
N GLU D 11 40.53 11.03 24.37
CA GLU D 11 39.38 11.21 25.24
C GLU D 11 38.08 10.95 24.49
N SER D 12 37.13 10.35 25.19
CA SER D 12 35.76 10.22 24.71
C SER D 12 34.98 11.36 25.32
N ALA D 13 34.29 12.14 24.49
CA ALA D 13 33.58 13.31 24.97
C ALA D 13 32.36 13.60 24.09
N TYR D 14 31.62 14.64 24.46
CA TYR D 14 30.39 15.03 23.77
C TYR D 14 30.33 16.52 23.56
N ARG D 15 29.70 16.95 22.48
CA ARG D 15 29.36 18.36 22.27
C ARG D 15 27.94 18.47 21.74
N GLU D 16 27.23 19.51 22.17
CA GLU D 16 25.95 19.85 21.59
C GLU D 16 26.16 20.61 20.29
N VAL D 17 25.48 20.15 19.24
CA VAL D 17 25.48 20.83 17.96
C VAL D 17 24.04 20.96 17.49
N ASP D 18 23.55 22.20 17.42
CA ASP D 18 22.14 22.46 17.11
C ASP D 18 21.17 21.57 17.91
N GLY D 19 21.45 21.43 19.21
CA GLY D 19 20.55 20.73 20.10
C GLY D 19 20.65 19.22 20.10
N VAL D 20 21.67 18.71 19.41
CA VAL D 20 21.91 17.28 19.33
C VAL D 20 23.24 16.94 20.00
N LYS D 21 23.24 15.98 20.92
CA LYS D 21 24.45 15.65 21.66
C LYS D 21 25.28 14.63 20.89
N LEU D 22 26.40 15.09 20.35
CA LEU D 22 27.25 14.23 19.52
C LEU D 22 28.39 13.64 20.32
N HIS D 23 28.63 12.34 20.13
CA HIS D 23 29.77 11.69 20.74
C HIS D 23 30.97 11.68 19.78
N TYR D 24 32.16 11.85 20.34
CA TYR D 24 33.38 11.74 19.54
C TYR D 24 34.53 11.29 20.41
N VAL D 25 35.59 10.85 19.74
CA VAL D 25 36.83 10.51 20.42
C VAL D 25 37.93 11.37 19.81
N LYS D 26 38.72 12.01 20.66
CA LYS D 26 39.63 13.07 20.21
C LYS D 26 41.01 12.94 20.84
N GLY D 27 42.04 13.14 20.04
CA GLY D 27 43.40 13.12 20.55
C GLY D 27 44.36 13.81 19.61
N GLY D 28 45.58 14.06 20.08
CA GLY D 28 46.62 14.60 19.21
C GLY D 28 46.78 16.11 19.25
N GLN D 29 47.71 16.60 18.45
CA GLN D 29 48.03 18.03 18.40
C GLN D 29 48.29 18.44 16.96
N GLY D 30 47.91 19.68 16.63
CA GLY D 30 48.11 20.22 15.30
C GLY D 30 46.78 20.53 14.62
N PRO D 31 46.81 20.81 13.31
CA PRO D 31 45.60 20.99 12.50
C PRO D 31 44.63 19.84 12.68
N LEU D 32 43.36 20.11 12.48
CA LEU D 32 42.33 19.12 12.73
C LEU D 32 42.11 18.19 11.54
N VAL D 33 41.96 16.89 11.84
CA VAL D 33 41.44 15.95 10.86
CA VAL D 33 41.44 15.92 10.86
C VAL D 33 40.22 15.26 11.48
N MET D 34 39.11 15.26 10.76
CA MET D 34 37.90 14.58 11.19
C MET D 34 37.75 13.29 10.41
N LEU D 35 37.47 12.20 11.12
CA LEU D 35 37.33 10.88 10.52
C LEU D 35 35.89 10.46 10.71
N VAL D 36 35.17 10.20 9.63
CA VAL D 36 33.74 9.90 9.71
C VAL D 36 33.46 8.49 9.23
N HIS D 37 32.90 7.69 10.14
CA HIS D 37 32.61 6.28 9.88
C HIS D 37 31.35 6.07 9.04
N GLY D 38 31.03 4.81 8.80
CA GLY D 38 29.89 4.43 7.98
C GLY D 38 28.97 3.40 8.61
N PHE D 39 28.18 2.75 7.74
CA PHE D 39 27.14 1.85 8.20
C PHE D 39 27.70 0.60 8.86
N GLY D 40 27.02 0.15 9.92
CA GLY D 40 27.40 -1.05 10.63
C GLY D 40 28.49 -0.77 11.66
N GLN D 41 28.98 0.45 11.66
CA GLN D 41 30.15 0.78 12.49
C GLN D 41 29.99 2.08 13.26
N THR D 42 31.08 2.52 13.91
CA THR D 42 31.10 3.71 14.74
C THR D 42 32.48 4.32 14.59
N TRP D 43 32.79 5.32 15.41
CA TRP D 43 34.13 5.92 15.46
C TRP D 43 35.24 4.87 15.54
N TYR D 44 34.92 3.73 16.17
CA TYR D 44 35.92 2.71 16.47
C TYR D 44 36.63 2.13 15.26
N GLU D 45 36.01 2.20 14.08
CA GLU D 45 36.69 1.65 12.90
C GLU D 45 38.00 2.40 12.64
N TRP D 46 38.13 3.60 13.19
CA TRP D 46 39.32 4.41 13.00
C TRP D 46 40.37 4.24 14.10
N HIS D 47 40.16 3.31 15.03
CA HIS D 47 41.00 3.29 16.23
C HIS D 47 42.46 2.90 15.97
N GLN D 48 42.73 2.25 14.84
CA GLN D 48 44.11 1.91 14.49
C GLN D 48 44.83 3.06 13.80
N LEU D 49 44.08 3.82 13.00
CA LEU D 49 44.61 4.97 12.30
C LEU D 49 44.86 6.12 13.26
N MET D 50 43.98 6.27 14.24
CA MET D 50 43.99 7.44 15.12
C MET D 50 45.33 7.75 15.84
N PRO D 51 45.94 6.75 16.50
CA PRO D 51 47.19 7.04 17.23
C PRO D 51 48.30 7.53 16.30
N GLU D 52 48.36 6.95 15.11
CA GLU D 52 49.38 7.30 14.13
CA GLU D 52 49.37 7.29 14.11
C GLU D 52 49.17 8.72 13.61
N LEU D 53 47.94 9.06 13.26
CA LEU D 53 47.63 10.38 12.76
C LEU D 53 47.86 11.44 13.83
N ALA D 54 47.59 11.06 15.08
CA ALA D 54 47.63 12.01 16.20
C ALA D 54 49.05 12.46 16.52
N LYS D 55 50.03 11.85 15.86
CA LYS D 55 51.41 12.30 16.01
C LYS D 55 51.63 13.61 15.24
N ARG D 56 50.73 13.89 14.31
CA ARG D 56 50.90 15.04 13.42
C ARG D 56 49.69 15.95 13.42
N PHE D 57 48.54 15.44 13.83
CA PHE D 57 47.29 16.19 13.75
C PHE D 57 46.46 16.07 15.03
N THR D 58 45.54 17.02 15.24
CA THR D 58 44.47 16.78 16.19
C THR D 58 43.45 15.94 15.43
N VAL D 59 43.07 14.83 16.03
CA VAL D 59 42.18 13.89 15.35
C VAL D 59 40.86 13.80 16.10
N ILE D 60 39.75 13.97 15.39
CA ILE D 60 38.44 13.77 15.98
CA ILE D 60 38.44 13.77 15.99
C ILE D 60 37.65 12.75 15.16
N ALA D 61 37.08 11.77 15.85
CA ALA D 61 36.26 10.75 15.21
C ALA D 61 34.90 10.75 15.86
N PRO D 62 33.92 11.38 15.21
CA PRO D 62 32.57 11.43 15.80
C PRO D 62 31.73 10.20 15.46
N ASP D 63 30.74 9.90 16.31
CA ASP D 63 29.69 8.97 15.92
C ASP D 63 28.64 9.72 15.12
N LEU D 64 28.24 9.17 13.98
CA LEU D 64 27.15 9.76 13.20
C LEU D 64 25.89 9.87 14.03
N PRO D 65 25.08 10.93 13.81
CA PRO D 65 23.83 11.08 14.54
C PRO D 65 22.99 9.78 14.60
N GLY D 66 22.61 9.40 15.82
CA GLY D 66 21.79 8.22 16.04
C GLY D 66 22.58 6.93 16.19
N LEU D 67 23.83 6.96 15.74
CA LEU D 67 24.68 5.77 15.80
C LEU D 67 25.72 5.93 16.91
N GLY D 68 26.37 4.83 17.27
CA GLY D 68 27.29 4.83 18.41
C GLY D 68 26.63 5.48 19.60
N GLN D 69 27.30 6.47 20.19
CA GLN D 69 26.76 7.16 21.35
C GLN D 69 26.25 8.56 21.04
N SER D 70 25.99 8.82 19.76
CA SER D 70 25.43 10.10 19.34
C SER D 70 23.90 10.12 19.31
N GLU D 71 23.33 11.23 19.76
CA GLU D 71 21.89 11.42 19.72
C GLU D 71 21.41 11.49 18.27
N PRO D 72 20.22 10.95 17.97
CA PRO D 72 19.65 11.10 16.61
C PRO D 72 19.52 12.58 16.19
N PRO D 73 19.58 12.85 14.88
CA PRO D 73 19.45 14.22 14.39
C PRO D 73 18.04 14.72 14.68
N LYS D 74 17.91 16.02 14.86
CA LYS D 74 16.60 16.61 15.12
C LYS D 74 16.00 17.20 13.86
N THR D 75 16.82 17.34 12.82
CA THR D 75 16.33 17.79 11.52
C THR D 75 15.91 16.61 10.63
N GLY D 76 16.87 15.78 10.23
CA GLY D 76 16.56 14.64 9.37
C GLY D 76 17.83 13.91 9.02
N TYR D 77 17.70 12.84 8.24
CA TYR D 77 18.83 11.99 7.92
C TYR D 77 19.36 12.14 6.50
N SER D 78 18.88 13.15 5.77
CA SER D 78 19.40 13.38 4.44
C SER D 78 20.81 13.92 4.56
N GLY D 79 21.59 13.80 3.49
CA GLY D 79 22.98 14.20 3.53
C GLY D 79 23.16 15.66 3.89
N GLU D 80 22.34 16.54 3.34
CA GLU D 80 22.49 17.95 3.66
C GLU D 80 22.20 18.21 5.13
N GLN D 81 21.20 17.55 5.68
CA GLN D 81 20.87 17.78 7.09
C GLN D 81 21.95 17.28 8.04
N VAL D 82 22.44 16.08 7.78
CA VAL D 82 23.41 15.47 8.67
C VAL D 82 24.75 16.19 8.56
N ALA D 83 25.09 16.62 7.36
CA ALA D 83 26.37 17.30 7.14
C ALA D 83 26.48 18.60 7.93
N VAL D 84 25.35 19.25 8.19
CA VAL D 84 25.39 20.45 9.03
C VAL D 84 25.98 20.14 10.41
N TYR D 85 25.54 19.03 11.02
CA TYR D 85 26.04 18.64 12.34
C TYR D 85 27.54 18.40 12.34
N LEU D 86 28.02 17.67 11.33
CA LEU D 86 29.44 17.35 11.26
C LEU D 86 30.29 18.57 10.97
N HIS D 87 29.80 19.44 10.08
CA HIS D 87 30.53 20.67 9.75
C HIS D 87 30.68 21.55 10.99
N LYS D 88 29.56 21.74 11.68
CA LYS D 88 29.57 22.58 12.88
C LYS D 88 30.42 22.00 14.01
N LEU D 89 30.39 20.68 14.17
CA LEU D 89 31.22 20.03 15.18
C LEU D 89 32.69 20.29 14.85
N ALA D 90 33.05 20.11 13.60
CA ALA D 90 34.44 20.30 13.19
C ALA D 90 34.85 21.75 13.43
N ARG D 91 33.96 22.68 13.14
CA ARG D 91 34.30 24.10 13.30
C ARG D 91 34.47 24.51 14.76
N GLN D 92 33.80 23.82 15.68
CA GLN D 92 34.00 24.09 17.10
C GLN D 92 35.46 23.90 17.48
N PHE D 93 36.10 22.92 16.86
CA PHE D 93 37.50 22.62 17.14
C PHE D 93 38.50 23.27 16.18
N SER D 94 38.03 23.71 15.02
CA SER D 94 38.93 24.34 14.04
C SER D 94 38.29 25.61 13.48
N PRO D 95 38.02 26.60 14.34
CA PRO D 95 37.32 27.82 13.92
C PRO D 95 38.13 28.72 12.97
N ASP D 96 39.46 28.68 13.05
CA ASP D 96 40.30 29.66 12.36
C ASP D 96 41.11 29.11 11.19
N ARG D 97 41.00 27.80 10.94
CA ARG D 97 41.80 27.14 9.91
C ARG D 97 40.91 26.09 9.25
N PRO D 98 41.19 25.78 7.98
CA PRO D 98 40.48 24.65 7.39
C PRO D 98 40.92 23.34 8.03
N PHE D 99 40.07 22.32 7.97
CA PHE D 99 40.40 21.02 8.54
C PHE D 99 40.41 19.96 7.42
N ASP D 100 40.99 18.80 7.73
CA ASP D 100 40.98 17.70 6.78
C ASP D 100 39.82 16.78 7.10
N LEU D 101 39.33 16.09 6.08
CA LEU D 101 38.20 15.19 6.26
C LEU D 101 38.48 13.84 5.61
N VAL D 102 38.33 12.78 6.40
CA VAL D 102 38.43 11.43 5.88
C VAL D 102 37.09 10.75 6.16
N ALA D 103 36.47 10.18 5.14
CA ALA D 103 35.18 9.53 5.32
C ALA D 103 35.10 8.17 4.63
N HIS D 104 34.37 7.25 5.27
CA HIS D 104 34.21 5.88 4.78
C HIS D 104 32.74 5.55 4.67
N ASP D 105 32.34 4.89 3.59
CA ASP D 105 30.96 4.41 3.50
C ASP D 105 29.95 5.56 3.63
N ILE D 106 28.90 5.43 4.44
CA ILE D 106 27.89 6.51 4.46
C ILE D 106 28.41 7.79 5.12
N GLY D 107 29.61 7.73 5.68
CA GLY D 107 30.28 8.96 6.09
C GLY D 107 30.45 9.90 4.92
N ILE D 108 30.60 9.35 3.72
CA ILE D 108 30.64 10.15 2.50
C ILE D 108 29.31 10.85 2.24
N TRP D 109 28.22 10.10 2.38
CA TRP D 109 26.90 10.65 2.13
C TRP D 109 26.63 11.81 3.07
N ASN D 110 27.13 11.67 4.29
CA ASN D 110 26.84 12.61 5.35
C ASN D 110 27.84 13.75 5.44
N THR D 111 28.81 13.78 4.52
CA THR D 111 29.76 14.88 4.54
C THR D 111 29.82 15.65 3.22
N TYR D 112 29.54 15.00 2.10
CA TYR D 112 29.68 15.65 0.80
C TYR D 112 29.02 17.04 0.71
N PRO D 113 27.78 17.19 1.20
CA PRO D 113 27.17 18.53 1.07
C PRO D 113 27.90 19.64 1.83
N MET D 114 28.45 19.35 2.99
CA MET D 114 29.14 20.40 3.73
C MET D 114 30.52 20.68 3.12
N VAL D 115 31.08 19.69 2.45
CA VAL D 115 32.34 19.90 1.75
C VAL D 115 32.15 20.80 0.54
N VAL D 116 31.15 20.51 -0.29
CA VAL D 116 30.93 21.32 -1.49
C VAL D 116 30.46 22.74 -1.14
N LYS D 117 29.71 22.88 -0.05
CA LYS D 117 29.18 24.17 0.35
C LYS D 117 30.13 25.02 1.20
N ASN D 118 31.16 24.40 1.77
CA ASN D 118 32.12 25.13 2.60
C ASN D 118 33.54 24.80 2.22
N GLN D 119 33.89 25.00 0.94
CA GLN D 119 35.15 24.47 0.44
C GLN D 119 36.36 25.09 1.09
N ALA D 120 36.23 26.36 1.49
CA ALA D 120 37.34 27.05 2.15
C ALA D 120 37.63 26.46 3.53
N ASP D 121 36.70 25.64 4.03
CA ASP D 121 36.87 25.01 5.33
C ASP D 121 37.56 23.65 5.26
N ILE D 122 37.78 23.14 4.05
CA ILE D 122 38.30 21.79 3.88
C ILE D 122 39.63 21.82 3.17
N ALA D 123 40.70 21.53 3.90
CA ALA D 123 42.02 21.59 3.33
C ALA D 123 42.27 20.44 2.35
N ARG D 124 42.11 19.20 2.85
CA ARG D 124 42.29 18.00 2.03
C ARG D 124 41.20 16.99 2.33
N LEU D 125 40.81 16.24 1.31
CA LEU D 125 39.67 15.36 1.39
C LEU D 125 40.09 13.94 1.06
N VAL D 126 39.71 12.99 1.90
CA VAL D 126 39.90 11.58 1.56
C VAL D 126 38.58 10.85 1.65
N TYR D 127 38.19 10.20 0.56
CA TYR D 127 36.92 9.46 0.51
C TYR D 127 37.18 8.01 0.16
N MET D 128 36.58 7.08 0.91
CA MET D 128 36.78 5.66 0.63
C MET D 128 35.51 4.81 0.70
N GLU D 129 35.34 3.95 -0.30
CA GLU D 129 34.32 2.89 -0.26
C GLU D 129 32.88 3.34 0.00
N ALA D 130 32.40 4.30 -0.80
CA ALA D 130 30.96 4.49 -1.02
C ALA D 130 30.77 5.46 -2.14
N PRO D 131 29.73 5.26 -2.96
CA PRO D 131 29.39 6.28 -3.94
C PRO D 131 28.90 7.55 -3.28
N ILE D 132 29.26 8.70 -3.83
CA ILE D 132 28.53 9.90 -3.49
C ILE D 132 27.12 9.63 -4.05
N PRO D 133 26.08 9.92 -3.27
CA PRO D 133 24.73 9.64 -3.79
C PRO D 133 24.42 10.45 -5.06
N ASP D 134 24.31 9.73 -6.17
CA ASP D 134 23.86 10.32 -7.43
C ASP D 134 23.17 9.25 -8.28
N ALA D 135 22.81 9.63 -9.51
CA ALA D 135 22.05 8.73 -10.35
C ALA D 135 22.81 7.45 -10.71
N ARG D 136 24.13 7.45 -10.53
CA ARG D 136 24.89 6.22 -10.80
C ARG D 136 24.43 5.04 -9.98
N ILE D 137 23.89 5.30 -8.79
CA ILE D 137 23.50 4.19 -7.91
C ILE D 137 22.28 3.43 -8.43
N TYR D 138 21.52 4.04 -9.33
CA TYR D 138 20.32 3.40 -9.86
C TYR D 138 20.67 2.37 -10.94
N ARG D 139 21.96 2.30 -11.27
CA ARG D 139 22.43 1.33 -12.25
C ARG D 139 22.97 0.03 -11.66
N PHE D 140 23.20 0.00 -10.35
CA PHE D 140 23.74 -1.20 -9.72
C PHE D 140 22.72 -2.32 -9.80
N PRO D 141 23.16 -3.53 -10.12
CA PRO D 141 22.21 -4.62 -10.29
C PRO D 141 21.68 -5.20 -8.97
N ALA D 142 20.41 -5.63 -9.00
CA ALA D 142 19.78 -6.22 -7.84
C ALA D 142 20.31 -7.64 -7.57
N PHE D 143 20.77 -8.30 -8.61
CA PHE D 143 21.14 -9.71 -8.53
C PHE D 143 22.27 -9.98 -9.51
N THR D 144 23.15 -10.93 -9.20
CA THR D 144 24.31 -11.23 -10.05
C THR D 144 24.36 -12.70 -10.41
N ALA D 145 25.13 -13.02 -11.44
CA ALA D 145 25.31 -14.41 -11.85
C ALA D 145 26.07 -15.25 -10.83
N GLN D 146 26.63 -14.60 -9.81
CA GLN D 146 27.33 -15.27 -8.73
C GLN D 146 26.52 -15.33 -7.45
N GLY D 147 25.33 -14.74 -7.47
CA GLY D 147 24.47 -14.76 -6.28
C GLY D 147 24.16 -13.36 -5.80
N GLU D 148 23.96 -13.22 -4.49
CA GLU D 148 23.55 -11.95 -3.89
C GLU D 148 24.48 -10.82 -4.30
N SER D 149 23.88 -9.70 -4.71
CA SER D 149 24.66 -8.52 -5.05
C SER D 149 25.15 -7.84 -3.79
N LEU D 150 25.97 -6.81 -3.97
CA LEU D 150 26.54 -6.08 -2.86
C LEU D 150 25.68 -4.90 -2.44
N VAL D 151 24.62 -4.63 -3.20
CA VAL D 151 23.84 -3.42 -2.95
C VAL D 151 22.34 -3.63 -2.73
N TRP D 152 21.89 -4.88 -2.61
CA TRP D 152 20.44 -5.10 -2.45
C TRP D 152 19.90 -4.50 -1.16
N HIS D 153 20.78 -4.26 -0.20
CA HIS D 153 20.36 -3.70 1.08
C HIS D 153 19.91 -2.25 0.94
N PHE D 154 20.30 -1.56 -0.15
CA PHE D 154 19.78 -0.20 -0.36
C PHE D 154 18.26 -0.23 -0.28
N SER D 155 17.68 -1.20 -0.98
CA SER D 155 16.22 -1.33 -1.00
C SER D 155 15.63 -1.93 0.28
N PHE D 156 16.28 -2.95 0.84
CA PHE D 156 15.86 -3.57 2.09
C PHE D 156 15.78 -2.48 3.17
N PHE D 157 16.84 -1.67 3.26
CA PHE D 157 16.90 -0.65 4.30
C PHE D 157 15.96 0.54 4.02
N ALA D 158 15.73 0.87 2.75
CA ALA D 158 14.87 2.00 2.41
C ALA D 158 13.39 1.66 2.47
N ALA D 159 13.08 0.37 2.49
CA ALA D 159 11.69 -0.09 2.51
C ALA D 159 10.93 0.50 3.69
N ASP D 160 9.64 0.76 3.51
CA ASP D 160 8.83 1.25 4.61
C ASP D 160 8.38 0.10 5.53
N ASP D 161 7.34 0.35 6.32
CA ASP D 161 6.85 -0.62 7.30
C ASP D 161 7.89 -1.02 8.35
N ARG D 162 8.95 -0.23 8.51
CA ARG D 162 10.09 -0.60 9.35
C ARG D 162 10.51 -2.05 9.06
N LEU D 163 10.59 -2.37 7.78
CA LEU D 163 10.88 -3.73 7.34
C LEU D 163 12.20 -4.22 7.91
N ALA D 164 13.23 -3.40 7.75
CA ALA D 164 14.55 -3.80 8.21
C ALA D 164 14.62 -3.93 9.73
N GLU D 165 14.11 -2.94 10.49
CA GLU D 165 14.13 -3.04 11.96
C GLU D 165 13.39 -4.27 12.44
N THR D 166 12.25 -4.53 11.82
CA THR D 166 11.39 -5.60 12.28
C THR D 166 12.04 -6.97 12.04
N LEU D 167 12.66 -7.13 10.88
CA LEU D 167 13.29 -8.42 10.57
C LEU D 167 14.62 -8.61 11.29
N ILE D 168 15.36 -7.53 11.50
CA ILE D 168 16.71 -7.65 12.07
C ILE D 168 16.72 -7.64 13.60
N ALA D 169 15.74 -6.99 14.21
CA ALA D 169 15.66 -7.00 15.68
C ALA D 169 15.68 -8.44 16.22
N GLY D 170 16.53 -8.68 17.22
CA GLY D 170 16.68 -10.02 17.76
C GLY D 170 17.70 -10.86 17.01
N LYS D 171 18.15 -10.35 15.86
CA LYS D 171 19.15 -11.06 15.06
C LYS D 171 20.20 -10.08 14.52
N GLU D 172 20.53 -9.07 15.32
CA GLU D 172 21.38 -7.98 14.87
C GLU D 172 22.80 -8.45 14.57
N ARG D 173 23.34 -9.29 15.46
CA ARG D 173 24.66 -9.88 15.29
C ARG D 173 24.70 -10.78 14.07
N PHE D 174 23.68 -11.60 13.91
CA PHE D 174 23.63 -12.52 12.78
C PHE D 174 23.63 -11.75 11.46
N PHE D 175 22.77 -10.73 11.38
CA PHE D 175 22.71 -9.95 10.15
C PHE D 175 24.01 -9.18 9.87
N LEU D 176 24.54 -8.55 10.90
CA LEU D 176 25.74 -7.74 10.69
C LEU D 176 26.92 -8.60 10.29
N GLU D 177 27.04 -9.80 10.87
CA GLU D 177 28.11 -10.69 10.46
C GLU D 177 27.98 -11.02 8.99
N HIS D 178 26.77 -11.33 8.54
CA HIS D 178 26.56 -11.64 7.13
C HIS D 178 26.92 -10.47 6.23
N PHE D 179 26.44 -9.28 6.60
CA PHE D 179 26.66 -8.08 5.81
C PHE D 179 28.14 -7.76 5.73
N ILE D 180 28.81 -7.81 6.87
CA ILE D 180 30.22 -7.50 6.90
C ILE D 180 31.02 -8.50 6.06
N LYS D 181 30.81 -9.79 6.29
CA LYS D 181 31.55 -10.80 5.56
C LYS D 181 31.25 -10.83 4.04
N SER D 182 30.01 -10.54 3.65
CA SER D 182 29.66 -10.51 2.23
C SER D 182 30.34 -9.35 1.50
N HIS D 183 30.80 -8.35 2.25
CA HIS D 183 31.45 -7.19 1.64
C HIS D 183 32.93 -7.17 1.91
N ALA D 184 33.46 -8.28 2.42
CA ALA D 184 34.87 -8.36 2.82
C ALA D 184 35.67 -9.36 2.00
N SER D 185 36.96 -9.09 1.87
CA SER D 185 37.90 -10.07 1.34
C SER D 185 38.60 -10.75 2.51
N ASN D 186 39.01 -9.94 3.48
CA ASN D 186 39.70 -10.48 4.64
CA ASN D 186 39.71 -10.46 4.63
C ASN D 186 38.79 -10.55 5.84
N THR D 187 38.06 -11.66 5.94
CA THR D 187 37.08 -11.80 7.02
C THR D 187 37.70 -12.08 8.38
N GLU D 188 38.95 -12.54 8.38
CA GLU D 188 39.62 -12.93 9.62
CA GLU D 188 39.64 -12.92 9.61
C GLU D 188 39.86 -11.74 10.56
N VAL D 189 39.86 -10.52 10.03
CA VAL D 189 40.05 -9.35 10.86
C VAL D 189 38.84 -9.08 11.75
N PHE D 190 37.69 -9.65 11.38
CA PHE D 190 36.48 -9.49 12.18
C PHE D 190 36.28 -10.67 13.13
N SER D 191 37.00 -10.60 14.24
CA SER D 191 36.88 -11.58 15.31
C SER D 191 35.47 -11.56 15.85
N GLU D 192 35.12 -12.61 16.57
CA GLU D 192 33.85 -12.66 17.13
C GLU D 192 33.65 -11.54 18.10
N ARG D 193 34.70 -11.12 18.76
CA ARG D 193 34.63 -10.01 19.70
C ARG D 193 34.28 -8.69 19.01
N LEU D 194 35.00 -8.39 17.95
CA LEU D 194 34.74 -7.18 17.24
C LEU D 194 33.31 -7.11 16.70
N LEU D 195 32.86 -8.22 16.18
CA LEU D 195 31.48 -8.34 15.68
C LEU D 195 30.48 -8.14 16.81
N ASP D 196 30.79 -8.66 17.99
CA ASP D 196 29.91 -8.49 19.12
C ASP D 196 29.79 -7.02 19.49
N LEU D 197 30.92 -6.30 19.47
CA LEU D 197 30.91 -4.89 19.85
C LEU D 197 30.10 -4.02 18.89
N TYR D 198 30.27 -4.26 17.59
CA TYR D 198 29.55 -3.47 16.60
C TYR D 198 28.07 -3.85 16.63
N ALA D 199 27.77 -5.14 16.80
CA ALA D 199 26.38 -5.55 16.83
C ALA D 199 25.63 -4.93 18.01
N ARG D 200 26.27 -4.91 19.18
CA ARG D 200 25.62 -4.37 20.38
C ARG D 200 25.30 -2.90 20.18
N SER D 201 26.20 -2.18 19.53
CA SER D 201 25.98 -0.75 19.34
C SER D 201 24.77 -0.49 18.44
N TYR D 202 24.75 -1.10 17.25
CA TYR D 202 23.68 -0.78 16.30
C TYR D 202 22.37 -1.47 16.67
N ALA D 203 22.43 -2.41 17.61
CA ALA D 203 21.21 -3.04 18.14
C ALA D 203 20.37 -2.15 19.05
N LYS D 204 20.96 -1.08 19.61
CA LYS D 204 20.15 -0.14 20.38
C LYS D 204 19.01 0.30 19.48
N PRO D 205 17.76 0.23 19.97
CA PRO D 205 16.60 0.52 19.11
C PRO D 205 16.71 1.81 18.30
N HIS D 206 17.13 2.91 18.92
CA HIS D 206 17.23 4.16 18.17
C HIS D 206 18.36 4.11 17.15
N SER D 207 19.35 3.27 17.38
CA SER D 207 20.48 3.15 16.46
C SER D 207 20.15 2.27 15.28
N LEU D 208 19.38 1.20 15.54
CA LEU D 208 18.96 0.30 14.48
C LEU D 208 18.07 1.10 13.52
N ASN D 209 17.14 1.86 14.07
CA ASN D 209 16.32 2.74 13.22
C ASN D 209 17.16 3.79 12.52
N ALA D 210 18.05 4.46 13.27
CA ALA D 210 18.89 5.49 12.65
C ALA D 210 19.64 4.94 11.43
N SER D 211 20.24 3.76 11.58
CA SER D 211 20.96 3.11 10.50
C SER D 211 20.14 3.11 9.22
N PHE D 212 18.87 2.74 9.33
CA PHE D 212 18.06 2.58 8.12
C PHE D 212 17.44 3.89 7.63
N GLU D 213 17.27 4.86 8.53
CA GLU D 213 16.78 6.17 8.12
C GLU D 213 17.75 6.86 7.16
N TYR D 214 19.06 6.59 7.30
CA TYR D 214 20.02 7.09 6.31
C TYR D 214 19.68 6.64 4.89
N TYR D 215 19.18 5.41 4.78
CA TYR D 215 18.79 4.85 3.49
C TYR D 215 17.40 5.31 3.04
N ARG D 216 16.50 5.52 4.00
CA ARG D 216 15.18 6.05 3.67
C ARG D 216 15.29 7.48 3.16
N ALA D 217 16.41 8.14 3.50
CA ALA D 217 16.66 9.49 2.99
C ALA D 217 17.55 9.53 1.73
N LEU D 218 17.95 8.36 1.24
CA LEU D 218 18.92 8.29 0.14
C LEU D 218 18.46 8.95 -1.15
N ASN D 219 17.21 8.72 -1.56
CA ASN D 219 16.74 9.38 -2.77
C ASN D 219 16.71 10.89 -2.59
N GLU D 220 16.34 11.36 -1.41
CA GLU D 220 16.38 12.80 -1.11
C GLU D 220 17.82 13.31 -1.19
N SER D 221 18.77 12.55 -0.67
CA SER D 221 20.16 12.93 -0.81
C SER D 221 20.62 13.01 -2.26
N VAL D 222 20.19 12.03 -3.08
CA VAL D 222 20.50 12.08 -4.51
C VAL D 222 19.94 13.36 -5.13
N ARG D 223 18.69 13.68 -4.80
CA ARG D 223 18.11 14.90 -5.34
C ARG D 223 18.85 16.17 -4.89
N GLN D 224 19.23 16.22 -3.61
CA GLN D 224 19.99 17.36 -3.08
C GLN D 224 21.33 17.49 -3.82
N ASN D 225 21.99 16.36 -4.03
CA ASN D 225 23.31 16.36 -4.63
C ASN D 225 23.27 16.75 -6.10
N ALA D 226 22.14 16.52 -6.77
CA ALA D 226 22.02 16.91 -8.16
C ALA D 226 22.21 18.40 -8.31
N GLU D 227 21.72 19.17 -7.34
CA GLU D 227 21.94 20.61 -7.33
C GLU D 227 23.34 21.00 -6.85
N LEU D 228 23.78 20.37 -5.77
CA LEU D 228 25.09 20.71 -5.18
C LEU D 228 26.25 20.49 -6.14
N ALA D 229 26.12 19.46 -6.99
CA ALA D 229 27.20 19.01 -7.85
C ALA D 229 27.49 19.98 -8.99
N LYS D 230 26.67 21.02 -9.12
CA LYS D 230 26.93 22.06 -10.11
C LYS D 230 28.23 22.78 -9.78
N THR D 231 28.64 22.72 -8.52
CA THR D 231 29.92 23.28 -8.08
C THR D 231 30.95 22.17 -7.83
N ARG D 232 32.01 22.14 -8.62
CA ARG D 232 33.04 21.11 -8.47
C ARG D 232 33.91 21.34 -7.24
N LEU D 233 34.47 20.26 -6.72
CA LEU D 233 35.37 20.32 -5.58
C LEU D 233 36.76 20.75 -6.02
N GLN D 234 37.35 21.70 -5.31
CA GLN D 234 38.64 22.24 -5.70
C GLN D 234 39.80 21.85 -4.80
N MET D 235 39.51 21.29 -3.63
CA MET D 235 40.58 20.91 -2.71
C MET D 235 41.26 19.61 -3.15
N PRO D 236 42.54 19.43 -2.76
CA PRO D 236 43.21 18.15 -3.02
C PRO D 236 42.42 16.97 -2.45
N THR D 237 42.14 15.98 -3.29
CA THR D 237 41.31 14.84 -2.91
C THR D 237 42.03 13.55 -3.21
N MET D 238 41.86 12.57 -2.33
CA MET D 238 42.33 11.22 -2.60
C MET D 238 41.18 10.25 -2.40
N THR D 239 41.02 9.30 -3.32
CA THR D 239 40.05 8.23 -3.12
C THR D 239 40.77 6.92 -2.87
N LEU D 240 40.18 6.08 -2.04
CA LEU D 240 40.65 4.71 -1.87
C LEU D 240 39.47 3.75 -2.07
N ALA D 241 39.76 2.59 -2.65
CA ALA D 241 38.75 1.55 -2.75
C ALA D 241 39.41 0.19 -2.67
N GLY D 242 38.62 -0.82 -2.30
CA GLY D 242 39.13 -2.18 -2.25
C GLY D 242 39.09 -2.82 -3.63
N GLY D 243 40.15 -3.55 -3.97
CA GLY D 243 40.20 -4.23 -5.26
C GLY D 243 39.80 -5.68 -5.19
N GLY D 244 39.58 -6.19 -3.98
CA GLY D 244 39.18 -7.57 -3.81
C GLY D 244 37.68 -7.73 -3.69
N HIS D 245 37.25 -8.95 -3.36
CA HIS D 245 35.84 -9.24 -3.17
C HIS D 245 35.22 -8.29 -2.18
N GLY D 246 34.10 -7.70 -2.54
CA GLY D 246 33.41 -6.79 -1.65
C GLY D 246 33.75 -5.33 -1.88
N GLY D 247 34.85 -5.07 -2.59
CA GLY D 247 35.27 -3.69 -2.81
C GLY D 247 34.67 -3.02 -4.04
N MET D 248 34.83 -1.70 -4.10
CA MET D 248 34.27 -0.89 -5.19
C MET D 248 35.17 -0.72 -6.41
N GLY D 249 36.43 -1.11 -6.28
CA GLY D 249 37.35 -1.06 -7.40
C GLY D 249 37.48 0.33 -8.01
N THR D 250 37.42 0.39 -9.33
CA THR D 250 37.68 1.65 -10.04
C THR D 250 36.55 2.68 -9.93
N PHE D 251 35.39 2.26 -9.42
CA PHE D 251 34.24 3.16 -9.33
C PHE D 251 34.54 4.39 -8.51
N GLN D 252 35.23 4.21 -7.38
CA GLN D 252 35.44 5.32 -6.46
C GLN D 252 36.14 6.51 -7.13
N LEU D 253 37.30 6.25 -7.72
CA LEU D 253 38.04 7.29 -8.43
C LEU D 253 37.31 7.78 -9.68
N GLU D 254 36.72 6.87 -10.45
CA GLU D 254 36.03 7.28 -11.68
C GLU D 254 34.85 8.22 -11.41
N GLN D 255 34.05 7.92 -10.39
CA GLN D 255 33.00 8.84 -9.98
C GLN D 255 33.58 10.17 -9.51
N MET D 256 34.63 10.10 -8.67
CA MET D 256 35.17 11.30 -8.06
C MET D 256 35.73 12.26 -9.12
N LYS D 257 36.24 11.71 -10.22
CA LYS D 257 36.72 12.52 -11.33
C LYS D 257 35.66 13.49 -11.87
N ALA D 258 34.40 13.11 -11.74
CA ALA D 258 33.29 13.95 -12.19
C ALA D 258 32.97 15.05 -11.19
N TYR D 259 33.46 14.90 -9.96
CA TYR D 259 33.18 15.83 -8.87
C TYR D 259 34.36 16.76 -8.52
N ALA D 260 35.59 16.27 -8.71
CA ALA D 260 36.76 16.95 -8.20
C ALA D 260 37.79 17.27 -9.28
N GLU D 261 38.33 18.49 -9.24
CA GLU D 261 39.36 18.92 -10.18
C GLU D 261 40.74 18.32 -9.89
N ASP D 262 41.03 18.07 -8.62
CA ASP D 262 42.35 17.63 -8.19
C ASP D 262 42.20 16.35 -7.38
N VAL D 263 42.20 15.21 -8.07
CA VAL D 263 41.98 13.92 -7.41
C VAL D 263 42.96 12.85 -7.84
N GLU D 264 43.48 12.11 -6.87
CA GLU D 264 44.28 10.93 -7.12
C GLU D 264 43.59 9.74 -6.44
N GLY D 265 43.76 8.55 -6.99
CA GLY D 265 43.07 7.40 -6.45
C GLY D 265 43.96 6.19 -6.29
N HIS D 266 43.59 5.31 -5.37
CA HIS D 266 44.23 4.00 -5.28
C HIS D 266 43.19 2.92 -5.07
N VAL D 267 43.45 1.77 -5.68
CA VAL D 267 42.66 0.58 -5.47
C VAL D 267 43.58 -0.42 -4.79
N LEU D 268 43.15 -0.99 -3.67
CA LEU D 268 44.03 -1.84 -2.87
C LEU D 268 43.72 -3.31 -3.14
N PRO D 269 44.63 -4.01 -3.85
CA PRO D 269 44.38 -5.42 -4.14
C PRO D 269 44.37 -6.24 -2.85
N GLY D 270 43.50 -7.24 -2.78
CA GLY D 270 43.44 -8.09 -1.62
C GLY D 270 42.60 -7.53 -0.48
N CYS D 271 41.86 -6.46 -0.75
CA CYS D 271 41.07 -5.79 0.29
C CYS D 271 39.65 -5.59 -0.21
N GLY D 272 38.67 -5.80 0.67
CA GLY D 272 37.28 -5.53 0.33
C GLY D 272 36.81 -4.15 0.77
N HIS D 273 35.58 -4.09 1.24
CA HIS D 273 34.94 -2.83 1.59
C HIS D 273 35.47 -2.17 2.86
N TRP D 274 35.92 -2.98 3.82
CA TRP D 274 36.19 -2.47 5.16
C TRP D 274 37.66 -2.08 5.31
N LEU D 275 38.10 -1.13 4.50
CA LEU D 275 39.54 -0.82 4.40
C LEU D 275 40.29 -0.62 5.72
N PRO D 276 39.72 0.16 6.67
CA PRO D 276 40.50 0.39 7.90
C PRO D 276 40.82 -0.88 8.70
N GLU D 277 40.00 -1.91 8.56
CA GLU D 277 40.21 -3.15 9.31
C GLU D 277 40.86 -4.24 8.46
N GLU D 278 40.36 -4.41 7.25
CA GLU D 278 40.91 -5.40 6.32
C GLU D 278 42.33 -5.11 5.87
N CYS D 279 42.63 -3.83 5.71
CA CYS D 279 43.93 -3.44 5.17
C CYS D 279 44.48 -2.20 5.87
N ALA D 280 44.55 -2.31 7.20
CA ALA D 280 44.90 -1.20 8.07
C ALA D 280 46.23 -0.57 7.70
N ALA D 281 47.26 -1.40 7.55
CA ALA D 281 48.60 -0.86 7.32
C ALA D 281 48.75 -0.04 6.03
N PRO D 282 48.38 -0.59 4.87
CA PRO D 282 48.55 0.25 3.68
C PRO D 282 47.54 1.38 3.64
N MET D 283 46.32 1.16 4.14
CA MET D 283 45.34 2.25 4.13
C MET D 283 45.83 3.39 5.00
N ASN D 284 46.27 3.07 6.21
CA ASN D 284 46.80 4.11 7.10
C ASN D 284 47.96 4.87 6.49
N ARG D 285 48.88 4.15 5.86
CA ARG D 285 50.04 4.77 5.22
C ARG D 285 49.61 5.76 4.15
N LEU D 286 48.66 5.36 3.31
CA LEU D 286 48.22 6.22 2.22
C LEU D 286 47.54 7.50 2.73
N VAL D 287 46.72 7.34 3.76
CA VAL D 287 46.04 8.50 4.35
C VAL D 287 47.04 9.42 5.05
N ILE D 288 47.93 8.85 5.84
CA ILE D 288 48.86 9.67 6.60
C ILE D 288 49.75 10.43 5.62
N ASP D 289 50.23 9.75 4.59
CA ASP D 289 51.12 10.42 3.65
C ASP D 289 50.40 11.53 2.88
N PHE D 290 49.18 11.25 2.43
CA PHE D 290 48.42 12.24 1.68
C PHE D 290 48.14 13.49 2.49
N LEU D 291 47.71 13.30 3.74
CA LEU D 291 47.37 14.44 4.58
C LEU D 291 48.63 15.20 4.98
N SER D 292 49.75 14.47 5.06
CA SER D 292 51.00 15.07 5.52
C SER D 292 51.69 15.92 4.47
N ARG D 293 51.17 15.93 3.25
CA ARG D 293 51.65 16.88 2.25
C ARG D 293 51.29 18.32 2.62
N GLY D 294 50.24 18.48 3.42
CA GLY D 294 49.86 19.81 3.92
C GLY D 294 50.63 20.10 5.19
N ARG D 295 50.57 21.32 5.72
CA ARG D 295 51.35 21.62 6.91
C ARG D 295 50.79 20.93 8.16
N HIS D 296 51.67 20.45 9.03
CA HIS D 296 51.25 19.69 10.22
C HIS D 296 52.19 19.82 11.37
N HIS D 297 51.80 19.35 12.52
CA HIS D 297 52.50 19.58 13.79
C HIS D 297 53.95 19.10 13.78
C1 64L E . -17.56 10.42 -11.86
C3 64L E . -15.35 9.19 -12.22
C4 64L E . -13.54 9.76 -10.54
C5 64L E . -12.90 11.00 -10.47
C6 64L E . -12.46 11.50 -9.24
C7 64L E . -12.65 10.77 -8.08
C8 64L E . -10.93 11.18 -6.45
C9 64L E . -9.98 10.38 -7.06
C10 64L E . -8.68 10.36 -6.56
C11 64L E . -8.33 11.14 -5.46
C13 64L E . -10.55 11.96 -5.35
C14 64L E . -8.89 12.79 -3.67
C18 64L E . -13.74 9.05 -9.37
BR2 64L E . -13.60 8.53 -6.55
C17 64L E . -13.31 9.56 -8.16
O4 64L E . -12.26 11.30 -6.86
C12 64L E . -9.27 11.95 -4.85
C16 64L E . -9.29 12.24 -2.31
C15 64L E . -8.95 14.26 -3.82
O5 64L E . -7.03 11.13 -4.96
BR1 64L E . -11.58 13.20 -9.15
N 64L E . -13.98 9.25 -11.84
O3 64L E . -15.70 8.75 -13.33
C2 64L E . -16.40 9.69 -11.28
O2 64L E . -17.49 11.67 -12.02
O1 64L E . -18.60 9.78 -12.20
C ACT F . -9.68 15.27 0.04
O ACT F . -10.58 14.87 0.79
OXT ACT F . -8.56 14.73 0.23
CH3 ACT F . -9.92 16.32 -1.00
C1 64L G . -31.70 5.76 -10.37
C3 64L G . -31.53 5.64 -7.90
C4 64L G . -29.87 5.23 -5.95
C5 64L G . -30.34 3.99 -5.68
C6 64L G . -29.87 3.41 -4.56
C7 64L G . -29.00 3.93 -3.64
C8 64L G . -29.25 2.98 -1.43
C9 64L G . -30.23 3.83 -1.02
C10 64L G . -30.92 3.58 0.12
C11 64L G . -30.60 2.51 0.92
C13 64L G . -28.90 1.94 -0.63
C14 64L G . -29.18 0.55 1.41
C18 64L G . -29.01 5.81 -5.08
BR2 64L G . -27.31 6.08 -2.76
C17 64L G . -28.56 5.15 -3.96
O4 64L G . -28.53 3.23 -2.58
C12 64L G . -29.52 1.71 0.56
C16 64L G . -27.99 0.60 2.21
C15 64L G . -29.53 -0.78 0.98
O5 64L G . -31.19 2.35 2.08
BR1 64L G . -30.52 1.65 -4.25
N 64L G . -30.36 5.88 -7.15
O3 64L G . -32.46 4.88 -7.76
C2 64L G . -31.58 6.52 -9.11
O2 64L G . -32.51 6.12 -11.31
O1 64L G . -30.97 4.75 -10.39
C ACT H . -26.59 -2.80 2.88
O ACT H . -27.14 -2.46 3.96
OXT ACT H . -25.42 -2.37 2.73
CH3 ACT H . -27.24 -3.62 1.81
C1 64L I . 15.56 -0.80 -16.73
C3 64L I . 13.56 -2.27 -17.03
C4 64L I . 12.89 -3.47 -14.82
C5 64L I . 12.19 -4.54 -15.35
C6 64L I . 11.71 -5.53 -14.50
C7 64L I . 11.89 -5.46 -13.13
C8 64L I . 10.15 -6.62 -11.82
C9 64L I . 9.17 -5.65 -11.85
C10 64L I . 7.95 -5.94 -11.24
C11 64L I . 7.73 -7.17 -10.62
C13 64L I . 9.91 -7.83 -11.19
C14 64L I . 8.53 -9.48 -9.95
C18 64L I . 13.11 -3.42 -13.46
BR2 64L I . 13.01 -4.19 -10.74
C17 64L I . 12.64 -4.40 -12.62
O4 64L I . 11.45 -6.50 -12.34
C12 64L I . 8.71 -8.14 -10.60
C16 64L I . 9.06 -9.60 -8.55
C15 64L I . 8.89 -10.64 -10.80
O5 64L I . 6.50 -7.44 -10.04
BR1 64L I . 10.70 -7.05 -15.12
N 64L I . 13.47 -2.39 -15.62
O3 64L I . 13.12 -3.10 -17.83
C2 64L I . 14.29 -1.04 -17.50
O2 64L I . 16.69 -0.92 -17.29
O1 64L I . 15.51 -0.49 -15.51
C ACT J . 9.25 -13.32 -8.07
O ACT J . 10.01 -13.58 -7.13
OXT ACT J . 8.28 -12.59 -7.75
CH3 ACT J . 9.51 -13.87 -9.43
C1 64L K . 30.14 0.03 -13.97
C3 64L K . 30.90 -0.68 -11.68
C4 64L K . 29.37 -1.32 -9.71
C5 64L K . 29.84 -0.33 -8.87
C6 64L K . 29.46 -0.30 -7.53
C7 64L K . 28.62 -1.25 -7.00
C8 64L K . 29.01 -1.55 -4.63
C9 64L K . 30.06 -2.45 -4.77
C10 64L K . 30.81 -2.78 -3.64
C11 64L K . 30.49 -2.25 -2.41
C13 64L K . 28.69 -1.04 -3.39
C14 64L K . 29.11 -0.81 -0.93
C18 64L K . 28.50 -2.27 -9.19
BR2 64L K . 26.95 -3.54 -7.10
C17 64L K . 28.14 -2.22 -7.85
O4 64L K . 28.21 -1.18 -5.69
C12 64L K . 29.44 -1.37 -2.27
C16 64L K . 27.74 -1.13 -0.39
C15 64L K . 29.50 0.61 -0.77
O5 64L K . 31.22 -2.57 -1.28
BR1 64L K . 30.14 1.08 -6.41
N 64L K . 29.77 -1.32 -11.11
O3 64L K . 31.74 -0.04 -11.02
C2 64L K . 31.09 -0.80 -13.15
O2 64L K . 30.49 0.43 -15.12
O1 64L K . 29.01 0.32 -13.50
C ACT L . 26.83 1.39 2.20
O ACT L . 27.36 0.63 3.02
OXT ACT L . 25.68 1.01 1.86
CH3 ACT L . 27.44 2.66 1.66
#